data_3F8D
#
_entry.id   3F8D
#
_cell.length_a   76.581
_cell.length_b   121.874
_cell.length_c   126.843
_cell.angle_alpha   90.00
_cell.angle_beta   90.00
_cell.angle_gamma   90.00
#
_symmetry.space_group_name_H-M   'P 21 21 21'
#
loop_
_entity.id
_entity.type
_entity.pdbx_description
1 polymer 'Thioredoxin reductase (TrxB-3)'
2 non-polymer 'FLAVIN-ADENINE DINUCLEOTIDE'
3 non-polymer 'SULFATE ION'
4 non-polymer 'ACETIC ACID'
5 water water
#
_entity_poly.entity_id   1
_entity_poly.type   'polypeptide(L)'
_entity_poly.pdbx_seq_one_letter_code
;MSLLPRTTSVKPGEKFDVIIVGLGPAAYGAALYSARYMLKTLVIGETPGGQLTEAGIVDDYLGLIEIQASDMIKVFNKHI
EKYEVPVLLDIVEKIENRGDEFVVKTKRKGEFKADSVILGIGVKRRKLGVPGEQEFAGRGISYCSVADAPLFKNRVVAVI
GGGDSALEGAEILSSYSTKVYLIHRRDTFKAQPIYVETVKKKPNVEFVLNSVVKEIKGDKVVKQVVVENLKTGEIKELNV
NGVFIEIGFDPPTDFAKSNGIETDTNGYIKVDEWMRTSVPGVFAAGDCTSAWLGFRQVITAVAQGAVAATSAYRYVTEKK
GKK
;
_entity_poly.pdbx_strand_id   A,B,C,D
#
# COMPACT_ATOMS: atom_id res chain seq x y z
N VAL A 10 8.45 15.33 -23.30
CA VAL A 10 8.11 14.08 -22.55
C VAL A 10 6.74 13.55 -22.95
N LYS A 11 6.59 12.23 -22.83
CA LYS A 11 5.33 11.59 -23.15
C LYS A 11 4.82 10.75 -22.01
N PRO A 12 3.50 10.56 -21.97
CA PRO A 12 2.87 9.75 -20.94
C PRO A 12 3.54 8.38 -20.90
N GLY A 13 3.64 7.82 -19.71
CA GLY A 13 4.26 6.52 -19.55
C GLY A 13 5.77 6.57 -19.34
N GLU A 14 6.39 7.70 -19.61
CA GLU A 14 7.84 7.82 -19.40
C GLU A 14 8.16 7.78 -17.90
N LYS A 15 9.30 7.18 -17.60
CA LYS A 15 9.73 7.07 -16.24
C LYS A 15 10.89 8.01 -15.97
N PHE A 16 10.82 8.57 -14.78
CA PHE A 16 11.83 9.52 -14.29
C PHE A 16 12.36 9.08 -12.93
N ASP A 17 13.54 9.56 -12.57
CA ASP A 17 14.04 9.28 -11.24
C ASP A 17 13.23 10.12 -10.22
N VAL A 18 12.88 11.35 -10.63
CA VAL A 18 12.13 12.23 -9.75
C VAL A 18 11.16 13.07 -10.53
N ILE A 19 9.93 13.12 -10.01
CA ILE A 19 8.97 14.06 -10.57
C ILE A 19 8.75 15.11 -9.47
N ILE A 20 8.90 16.38 -9.85
CA ILE A 20 8.71 17.52 -8.97
C ILE A 20 7.39 18.11 -9.35
N VAL A 21 6.51 18.29 -8.37
CA VAL A 21 5.18 18.82 -8.60
C VAL A 21 5.18 20.26 -8.11
N GLY A 22 4.87 21.15 -9.04
CA GLY A 22 4.86 22.59 -8.78
C GLY A 22 5.84 23.31 -9.67
N LEU A 23 5.72 24.65 -9.74
CA LEU A 23 6.60 25.46 -10.57
C LEU A 23 6.89 26.82 -9.93
N GLY A 24 6.93 26.78 -8.60
CA GLY A 24 7.28 27.99 -7.88
C GLY A 24 8.72 27.85 -7.43
N PRO A 25 9.20 28.77 -6.58
CA PRO A 25 10.57 28.74 -6.05
C PRO A 25 11.03 27.41 -5.53
N ALA A 26 10.19 26.70 -4.77
CA ALA A 26 10.61 25.40 -4.22
C ALA A 26 10.89 24.40 -5.35
N ALA A 27 9.99 24.33 -6.34
CA ALA A 27 10.17 23.42 -7.44
C ALA A 27 11.41 23.78 -8.26
N TYR A 28 11.62 25.07 -8.53
CA TYR A 28 12.82 25.45 -9.27
C TYR A 28 14.06 25.07 -8.49
N GLY A 29 14.03 25.32 -7.18
CA GLY A 29 15.19 25.02 -6.37
C GLY A 29 15.47 23.53 -6.33
N ALA A 30 14.41 22.72 -6.25
CA ALA A 30 14.60 21.29 -6.25
C ALA A 30 15.04 20.81 -7.62
N ALA A 31 14.52 21.38 -8.70
CA ALA A 31 14.89 20.91 -10.03
C ALA A 31 16.35 21.20 -10.33
N LEU A 32 16.83 22.37 -9.89
CA LEU A 32 18.23 22.69 -10.13
C LEU A 32 19.14 21.64 -9.49
N TYR A 33 18.89 21.29 -8.23
CA TYR A 33 19.73 20.30 -7.58
C TYR A 33 19.47 18.92 -8.13
N SER A 34 18.22 18.55 -8.39
CA SER A 34 17.94 17.21 -8.91
C SER A 34 18.68 16.99 -10.24
N ALA A 35 18.62 17.99 -11.14
CA ALA A 35 19.28 17.81 -12.42
C ALA A 35 20.75 17.75 -12.25
N ARG A 36 21.31 18.58 -11.36
CA ARG A 36 22.76 18.56 -11.17
C ARG A 36 23.24 17.29 -10.50
N TYR A 37 22.35 16.59 -9.79
CA TYR A 37 22.70 15.25 -9.23
C TYR A 37 22.57 14.18 -10.32
N MET A 38 22.24 14.57 -11.53
CA MET A 38 22.06 13.65 -12.62
C MET A 38 20.87 12.76 -12.48
N LEU A 39 19.87 13.21 -11.74
CA LEU A 39 18.63 12.49 -11.66
C LEU A 39 17.82 12.87 -12.88
N LYS A 40 17.22 11.89 -13.55
CA LYS A 40 16.33 12.17 -14.67
C LYS A 40 15.09 12.79 -14.04
N THR A 41 14.92 14.07 -14.35
CA THR A 41 13.91 14.88 -13.67
C THR A 41 12.84 15.42 -14.55
N LEU A 42 11.59 15.39 -14.06
CA LEU A 42 10.50 16.03 -14.74
C LEU A 42 9.83 16.96 -13.73
N VAL A 43 9.48 18.17 -14.17
CA VAL A 43 8.73 19.11 -13.36
C VAL A 43 7.34 19.24 -13.99
N ILE A 44 6.30 19.11 -13.15
CA ILE A 44 4.92 19.29 -13.59
C ILE A 44 4.34 20.35 -12.68
N GLY A 45 3.96 21.48 -13.23
CA GLY A 45 3.40 22.52 -12.37
C GLY A 45 2.41 23.35 -13.13
N GLU A 46 1.45 23.90 -12.40
CA GLU A 46 0.40 24.64 -13.07
C GLU A 46 0.76 26.06 -13.44
N THR A 47 1.31 26.81 -12.48
CA THR A 47 1.56 28.24 -12.70
C THR A 47 3.04 28.56 -12.54
N PRO A 48 3.72 28.93 -13.63
CA PRO A 48 5.15 29.24 -13.51
C PRO A 48 5.40 30.40 -12.57
N GLY A 49 6.25 30.17 -11.58
CA GLY A 49 6.57 31.22 -10.62
C GLY A 49 5.74 31.17 -9.36
N GLY A 50 4.64 30.40 -9.38
CA GLY A 50 3.77 30.31 -8.22
C GLY A 50 3.34 31.68 -7.69
N GLN A 51 3.44 31.90 -6.38
CA GLN A 51 3.02 33.17 -5.75
C GLN A 51 3.72 34.37 -6.34
N LEU A 52 4.87 34.17 -6.95
CA LEU A 52 5.58 35.30 -7.55
C LEU A 52 4.83 35.96 -8.68
N THR A 53 3.85 35.28 -9.28
CA THR A 53 3.07 35.92 -10.33
C THR A 53 2.28 37.11 -9.77
N GLU A 54 2.09 37.19 -8.46
CA GLU A 54 1.37 38.33 -7.88
C GLU A 54 2.28 39.34 -7.21
N ALA A 55 3.59 39.11 -7.25
CA ALA A 55 4.52 40.02 -6.59
C ALA A 55 5.02 41.09 -7.52
N GLY A 56 5.56 42.16 -6.93
CA GLY A 56 6.09 43.26 -7.72
C GLY A 56 7.59 43.17 -7.82
N ILE A 57 8.32 43.85 -6.94
CA ILE A 57 9.76 43.78 -6.89
C ILE A 57 10.14 42.90 -5.72
N VAL A 58 11.17 42.08 -5.92
CA VAL A 58 11.69 41.21 -4.86
C VAL A 58 13.06 41.71 -4.51
N ASP A 59 13.25 42.12 -3.25
CA ASP A 59 14.52 42.64 -2.84
C ASP A 59 15.04 41.95 -1.59
N ASP A 60 14.53 40.76 -1.31
CA ASP A 60 15.04 40.01 -0.18
C ASP A 60 15.57 38.60 -0.53
N TYR A 61 15.92 38.43 -1.79
CA TYR A 61 16.58 37.18 -2.26
C TYR A 61 17.99 37.66 -2.56
N LEU A 62 18.89 37.29 -1.65
CA LEU A 62 20.24 37.82 -1.67
C LEU A 62 20.92 37.62 -3.00
N GLY A 63 21.42 38.73 -3.56
CA GLY A 63 22.17 38.68 -4.81
C GLY A 63 21.35 39.07 -6.03
N LEU A 64 20.03 39.09 -5.93
CA LEU A 64 19.21 39.57 -7.06
C LEU A 64 18.60 40.84 -6.51
N ILE A 65 19.28 41.94 -6.81
CA ILE A 65 18.92 43.22 -6.25
C ILE A 65 17.75 43.89 -6.94
N GLU A 66 16.71 44.19 -6.17
CA GLU A 66 15.54 44.90 -6.72
C GLU A 66 15.09 44.33 -8.06
N ILE A 67 14.88 43.04 -8.06
CA ILE A 67 14.46 42.37 -9.28
C ILE A 67 12.95 42.27 -9.43
N GLN A 68 12.43 42.60 -10.60
CA GLN A 68 11.00 42.39 -10.80
C GLN A 68 10.70 40.90 -10.59
N ALA A 69 9.61 40.61 -9.90
CA ALA A 69 9.27 39.19 -9.71
C ALA A 69 9.15 38.47 -11.07
N SER A 70 8.63 39.12 -12.10
CA SER A 70 8.51 38.45 -13.38
C SER A 70 9.88 38.08 -13.94
N ASP A 71 10.89 38.90 -13.68
CA ASP A 71 12.23 38.59 -14.13
C ASP A 71 12.88 37.51 -13.27
N MET A 72 12.50 37.46 -12.00
CA MET A 72 13.00 36.40 -11.13
C MET A 72 12.45 35.05 -11.67
N ILE A 73 11.19 35.00 -12.01
CA ILE A 73 10.63 33.78 -12.55
C ILE A 73 11.39 33.40 -13.83
N LYS A 74 11.66 34.38 -14.69
CA LYS A 74 12.36 34.09 -15.93
C LYS A 74 13.75 33.56 -15.71
N VAL A 75 14.51 34.11 -14.76
CA VAL A 75 15.87 33.63 -14.57
C VAL A 75 15.88 32.29 -13.81
N PHE A 76 14.91 32.05 -12.92
CA PHE A 76 14.84 30.75 -12.25
C PHE A 76 14.59 29.69 -13.32
N ASN A 77 13.65 29.98 -14.25
CA ASN A 77 13.42 29.03 -15.34
C ASN A 77 14.64 28.82 -16.21
N LYS A 78 15.34 29.89 -16.55
CA LYS A 78 16.54 29.72 -17.36
C LYS A 78 17.55 28.86 -16.65
N HIS A 79 17.64 28.96 -15.33
CA HIS A 79 18.64 28.20 -14.64
C HIS A 79 18.34 26.71 -14.71
N ILE A 80 17.08 26.31 -14.53
CA ILE A 80 16.82 24.89 -14.63
C ILE A 80 16.84 24.42 -16.10
N GLU A 81 16.49 25.30 -17.05
CA GLU A 81 16.54 24.88 -18.45
C GLU A 81 17.95 24.74 -18.98
N LYS A 82 18.92 25.35 -18.30
CA LYS A 82 20.31 25.12 -18.67
C LYS A 82 20.61 23.61 -18.56
N TYR A 83 19.92 22.93 -17.65
CA TYR A 83 20.12 21.51 -17.41
C TYR A 83 19.08 20.69 -18.14
N GLU A 84 18.36 21.32 -19.05
CA GLU A 84 17.41 20.65 -19.93
C GLU A 84 16.33 19.90 -19.19
N VAL A 85 15.89 20.46 -18.09
CA VAL A 85 14.83 19.83 -17.34
C VAL A 85 13.50 20.03 -18.03
N PRO A 86 12.79 18.95 -18.36
CA PRO A 86 11.51 19.14 -19.02
C PRO A 86 10.50 19.65 -17.99
N VAL A 87 9.69 20.58 -18.45
CA VAL A 87 8.68 21.23 -17.64
C VAL A 87 7.35 21.05 -18.37
N LEU A 88 6.42 20.42 -17.70
CA LEU A 88 5.07 20.23 -18.21
C LEU A 88 4.13 21.14 -17.45
N LEU A 89 3.33 21.93 -18.15
CA LEU A 89 2.40 22.81 -17.49
C LEU A 89 1.07 22.07 -17.36
N ASP A 90 0.78 21.57 -16.18
CA ASP A 90 -0.46 20.88 -15.90
C ASP A 90 -0.63 20.76 -14.41
N ILE A 91 -1.77 20.22 -14.03
CA ILE A 91 -2.12 19.96 -12.65
C ILE A 91 -1.96 18.49 -12.35
N VAL A 92 -1.24 18.16 -11.28
CA VAL A 92 -1.14 16.78 -10.80
C VAL A 92 -2.35 16.50 -9.94
N GLU A 93 -3.07 15.43 -10.25
CA GLU A 93 -4.28 15.08 -9.53
C GLU A 93 -4.06 13.96 -8.55
N LYS A 94 -3.20 13.01 -8.88
CA LYS A 94 -3.01 11.88 -7.98
C LYS A 94 -1.59 11.36 -8.03
N ILE A 95 -1.14 10.83 -6.91
CA ILE A 95 0.18 10.22 -6.77
C ILE A 95 -0.10 8.85 -6.17
N GLU A 96 0.12 7.85 -6.99
CA GLU A 96 -0.15 6.47 -6.58
C GLU A 96 1.12 5.68 -6.47
N ASN A 97 1.16 4.80 -5.48
CA ASN A 97 2.32 3.95 -5.27
C ASN A 97 1.92 2.57 -5.81
N ARG A 98 2.52 2.17 -6.92
CA ARG A 98 2.22 0.87 -7.52
C ARG A 98 3.40 0.27 -8.27
N GLU A 101 7.05 1.68 -7.58
CA GLU A 101 7.28 3.01 -8.15
C GLU A 101 6.02 3.85 -8.00
N PHE A 102 6.13 5.15 -8.29
CA PHE A 102 5.02 6.06 -8.23
C PHE A 102 4.47 6.32 -9.60
N VAL A 103 3.17 6.54 -9.65
CA VAL A 103 2.55 6.91 -10.89
C VAL A 103 1.90 8.24 -10.53
N VAL A 104 2.28 9.25 -11.29
CA VAL A 104 1.80 10.61 -11.10
C VAL A 104 0.82 10.89 -12.22
N LYS A 105 -0.43 11.12 -11.85
CA LYS A 105 -1.50 11.36 -12.82
C LYS A 105 -1.81 12.84 -12.97
N THR A 106 -1.76 13.34 -14.19
CA THR A 106 -2.05 14.74 -14.45
C THR A 106 -3.43 14.91 -15.09
N LYS A 107 -3.95 16.12 -15.03
CA LYS A 107 -5.28 16.40 -15.54
C LYS A 107 -5.40 16.27 -17.02
N ARG A 108 -4.41 16.73 -17.76
CA ARG A 108 -4.53 16.70 -19.21
C ARG A 108 -3.48 15.97 -19.99
N LYS A 109 -2.31 15.79 -19.40
CA LYS A 109 -1.22 15.25 -20.15
C LYS A 109 -0.78 13.86 -19.81
N GLY A 110 -1.68 13.10 -19.16
CA GLY A 110 -1.41 11.71 -18.82
C GLY A 110 -0.75 11.33 -17.50
N GLU A 111 -0.38 10.06 -17.41
CA GLU A 111 0.30 9.47 -16.24
C GLU A 111 1.77 9.34 -16.55
N PHE A 112 2.60 9.62 -15.55
CA PHE A 112 4.06 9.50 -15.66
C PHE A 112 4.54 8.66 -14.50
N LYS A 113 5.71 8.02 -14.63
CA LYS A 113 6.18 7.16 -13.56
C LYS A 113 7.41 7.74 -12.94
N ALA A 114 7.61 7.44 -11.66
CA ALA A 114 8.80 8.00 -11.00
C ALA A 114 9.24 7.15 -9.87
N ASP A 115 10.53 7.19 -9.59
CA ASP A 115 11.05 6.49 -8.44
C ASP A 115 10.84 7.30 -7.16
N SER A 116 10.69 8.63 -7.31
CA SER A 116 10.50 9.51 -6.17
C SER A 116 9.73 10.73 -6.66
N VAL A 117 9.13 11.43 -5.70
CA VAL A 117 8.34 12.60 -5.98
C VAL A 117 8.69 13.69 -4.97
N ILE A 118 8.79 14.93 -5.45
CA ILE A 118 9.01 16.10 -4.59
C ILE A 118 7.82 17.02 -4.77
N LEU A 119 7.11 17.29 -3.69
CA LEU A 119 5.98 18.20 -3.72
C LEU A 119 6.39 19.62 -3.37
N GLY A 120 6.30 20.51 -4.34
CA GLY A 120 6.53 21.96 -4.10
C GLY A 120 5.24 22.68 -4.46
N ILE A 121 4.12 22.24 -3.89
CA ILE A 121 2.81 22.72 -4.30
C ILE A 121 2.33 23.97 -3.63
N GLY A 122 3.13 24.50 -2.69
CA GLY A 122 2.81 25.77 -2.09
C GLY A 122 1.50 25.84 -1.36
N VAL A 123 1.00 27.07 -1.24
CA VAL A 123 -0.28 27.33 -0.57
C VAL A 123 -0.99 28.33 -1.42
N LYS A 124 -2.30 28.29 -1.35
CA LYS A 124 -3.11 29.21 -2.12
C LYS A 124 -3.57 30.35 -1.21
N ARG A 125 -3.35 31.55 -1.71
CA ARG A 125 -3.74 32.73 -1.03
C ARG A 125 -5.26 32.69 -0.80
N ARG A 126 -5.72 32.98 0.43
CA ARG A 126 -7.19 33.04 0.66
C ARG A 126 -7.60 34.35 0.00
N LYS A 127 -8.63 34.29 -0.83
CA LYS A 127 -9.06 35.48 -1.52
C LYS A 127 -9.99 36.33 -0.70
N LEU A 128 -9.84 37.64 -0.90
CA LEU A 128 -10.68 38.62 -0.24
C LEU A 128 -11.79 38.96 -1.26
N GLY A 129 -11.42 39.71 -2.31
CA GLY A 129 -12.37 40.07 -3.36
C GLY A 129 -13.30 41.20 -2.93
N VAL A 130 -12.74 42.40 -2.91
CA VAL A 130 -13.55 43.55 -2.56
C VAL A 130 -13.47 44.49 -3.74
N PRO A 131 -14.50 45.35 -3.92
CA PRO A 131 -14.43 46.27 -5.06
C PRO A 131 -13.14 47.09 -5.06
N GLY A 132 -12.50 47.18 -6.22
CA GLY A 132 -11.26 47.92 -6.35
C GLY A 132 -10.00 47.07 -6.31
N GLU A 133 -10.11 45.85 -5.79
CA GLU A 133 -8.96 44.99 -5.66
C GLU A 133 -8.34 44.59 -7.00
N GLN A 134 -9.15 44.29 -8.00
CA GLN A 134 -8.60 43.93 -9.30
C GLN A 134 -8.10 45.20 -9.99
N GLU A 135 -8.90 46.27 -9.88
CA GLU A 135 -8.56 47.53 -10.51
C GLU A 135 -7.21 48.09 -10.06
N PHE A 136 -6.90 47.95 -8.77
CA PHE A 136 -5.64 48.47 -8.27
C PHE A 136 -4.53 47.47 -8.02
N ALA A 137 -4.63 46.32 -8.68
CA ALA A 137 -3.61 45.29 -8.59
C ALA A 137 -2.32 45.94 -9.10
N GLY A 138 -1.23 45.77 -8.36
CA GLY A 138 0.04 46.37 -8.75
C GLY A 138 0.04 47.90 -8.73
N ARG A 139 -1.01 48.49 -8.15
CA ARG A 139 -1.13 49.93 -8.08
C ARG A 139 -1.40 50.46 -6.68
N GLY A 140 -0.87 49.75 -5.69
CA GLY A 140 -1.06 50.19 -4.32
C GLY A 140 -1.52 49.05 -3.45
N ILE A 141 -1.93 47.95 -4.06
CA ILE A 141 -2.36 46.80 -3.29
C ILE A 141 -1.22 45.80 -3.28
N SER A 142 -0.93 45.27 -2.10
CA SER A 142 0.12 44.27 -1.91
C SER A 142 -0.43 43.10 -1.13
N TYR A 143 0.08 41.91 -1.43
CA TYR A 143 -0.29 40.73 -0.70
C TYR A 143 0.84 40.24 0.16
N CYS A 144 1.86 41.09 0.36
CA CYS A 144 2.97 40.67 1.17
C CYS A 144 3.63 41.87 1.85
N SER A 145 3.24 42.08 3.10
CA SER A 145 3.78 43.21 3.88
C SER A 145 5.27 43.15 4.10
N VAL A 146 5.79 41.97 4.43
CA VAL A 146 7.21 41.90 4.68
C VAL A 146 8.03 42.18 3.44
N ALA A 147 7.46 41.87 2.29
CA ALA A 147 8.17 42.15 1.07
C ALA A 147 8.14 43.62 0.72
N ASP A 148 6.94 44.22 0.76
CA ASP A 148 6.78 45.57 0.28
C ASP A 148 6.82 46.71 1.27
N ALA A 149 6.89 46.40 2.57
CA ALA A 149 6.90 47.47 3.58
C ALA A 149 7.95 48.55 3.30
N PRO A 150 9.17 48.15 2.87
CA PRO A 150 10.18 49.17 2.60
C PRO A 150 9.81 50.16 1.50
N LEU A 151 8.79 49.82 0.71
CA LEU A 151 8.34 50.68 -0.36
C LEU A 151 7.27 51.67 0.09
N PHE A 152 6.89 51.60 1.36
CA PHE A 152 5.87 52.49 1.89
C PHE A 152 6.35 53.32 3.07
N LYS A 153 7.62 53.69 3.02
CA LYS A 153 8.21 54.54 4.04
C LYS A 153 7.46 55.87 4.07
N ASN A 154 7.07 56.25 5.28
CA ASN A 154 6.35 57.50 5.51
C ASN A 154 5.10 57.67 4.68
N ARG A 155 4.40 56.57 4.44
CA ARG A 155 3.11 56.59 3.79
C ARG A 155 2.08 56.03 4.79
N VAL A 156 0.82 56.39 4.63
CA VAL A 156 -0.26 55.88 5.47
C VAL A 156 -0.79 54.61 4.76
N VAL A 157 -0.91 53.52 5.50
CA VAL A 157 -1.33 52.27 4.88
C VAL A 157 -2.39 51.54 5.71
N ALA A 158 -3.06 50.60 5.06
CA ALA A 158 -4.04 49.74 5.69
C ALA A 158 -3.61 48.29 5.51
N VAL A 159 -3.81 47.50 6.55
CA VAL A 159 -3.57 46.05 6.53
C VAL A 159 -4.93 45.42 6.83
N ILE A 160 -5.32 44.47 5.98
CA ILE A 160 -6.59 43.75 6.14
C ILE A 160 -6.27 42.31 6.60
N GLY A 161 -6.80 41.94 7.74
CA GLY A 161 -6.57 40.59 8.28
C GLY A 161 -6.49 40.58 9.80
N GLY A 162 -6.47 39.39 10.41
CA GLY A 162 -6.44 39.31 11.85
C GLY A 162 -5.64 38.19 12.47
N GLY A 163 -4.91 37.46 11.63
CA GLY A 163 -4.07 36.40 12.15
C GLY A 163 -2.63 36.85 12.23
N ASP A 164 -1.73 35.91 12.46
CA ASP A 164 -0.32 36.20 12.54
C ASP A 164 0.21 36.99 11.34
N SER A 165 -0.20 36.62 10.12
CA SER A 165 0.26 37.30 8.91
C SER A 165 -0.04 38.81 8.99
N ALA A 166 -1.29 39.13 9.33
CA ALA A 166 -1.68 40.52 9.42
C ALA A 166 -1.02 41.26 10.55
N LEU A 167 -0.87 40.64 11.72
CA LEU A 167 -0.25 41.34 12.84
C LEU A 167 1.22 41.57 12.59
N GLU A 168 1.91 40.56 12.08
CA GLU A 168 3.30 40.71 11.72
C GLU A 168 3.42 41.79 10.64
N GLY A 169 2.48 41.82 9.71
CA GLY A 169 2.52 42.83 8.67
C GLY A 169 2.38 44.21 9.27
N ALA A 170 1.43 44.36 10.18
CA ALA A 170 1.23 45.66 10.82
C ALA A 170 2.47 46.06 11.63
N GLU A 171 3.15 45.10 12.25
CA GLU A 171 4.34 45.42 12.99
C GLU A 171 5.42 45.98 12.07
N ILE A 172 5.73 45.32 10.97
CA ILE A 172 6.78 45.83 10.12
C ILE A 172 6.37 47.13 9.45
N LEU A 173 5.11 47.21 9.01
CA LEU A 173 4.66 48.44 8.39
C LEU A 173 4.68 49.57 9.42
N SER A 174 4.42 49.28 10.71
CA SER A 174 4.46 50.36 11.71
C SER A 174 5.86 50.95 11.76
N SER A 175 6.90 50.16 11.50
CA SER A 175 8.26 50.67 11.50
C SER A 175 8.55 51.58 10.32
N TYR A 176 8.06 51.22 9.14
CA TYR A 176 8.33 52.00 7.95
C TYR A 176 7.37 53.14 7.68
N SER A 177 6.08 52.86 7.87
CA SER A 177 5.02 53.76 7.48
C SER A 177 4.66 54.83 8.49
N THR A 178 3.90 55.78 8.00
CA THR A 178 3.38 56.85 8.84
C THR A 178 2.45 56.27 9.91
N LYS A 179 1.48 55.49 9.43
CA LYS A 179 0.46 54.94 10.31
C LYS A 179 -0.12 53.73 9.59
N VAL A 180 -0.52 52.76 10.40
CA VAL A 180 -1.16 51.54 9.89
C VAL A 180 -2.57 51.43 10.47
N TYR A 181 -3.55 51.26 9.58
CA TYR A 181 -4.92 50.97 10.00
C TYR A 181 -5.02 49.43 9.81
N LEU A 182 -5.19 48.72 10.91
CA LEU A 182 -5.28 47.24 10.88
C LEU A 182 -6.75 46.89 10.97
N ILE A 183 -7.29 46.47 9.83
CA ILE A 183 -8.71 46.21 9.67
C ILE A 183 -9.06 44.73 9.70
N HIS A 184 -9.97 44.35 10.58
CA HIS A 184 -10.35 42.94 10.68
C HIS A 184 -11.83 42.85 11.03
N ARG A 185 -12.48 41.84 10.46
CA ARG A 185 -13.95 41.66 10.63
C ARG A 185 -14.45 41.13 11.97
N ARG A 186 -13.57 40.58 12.79
CA ARG A 186 -13.99 40.03 14.05
C ARG A 186 -13.79 41.03 15.17
N ASP A 187 -14.29 40.70 16.34
CA ASP A 187 -14.21 41.55 17.51
C ASP A 187 -12.82 41.52 18.15
N THR A 188 -12.06 40.47 17.86
CA THR A 188 -10.72 40.34 18.40
C THR A 188 -9.85 39.77 17.29
N PHE A 189 -8.54 39.85 17.47
CA PHE A 189 -7.65 39.26 16.51
C PHE A 189 -7.48 37.81 16.92
N LYS A 190 -7.15 36.95 15.95
CA LYS A 190 -6.92 35.53 16.23
C LYS A 190 -5.42 35.24 16.31
N ALA A 191 -4.60 36.26 16.07
CA ALA A 191 -3.16 36.13 16.13
C ALA A 191 -2.72 35.77 17.55
N GLN A 192 -1.49 35.25 17.65
CA GLN A 192 -0.90 34.89 18.93
C GLN A 192 -0.90 36.15 19.82
N PRO A 193 -1.12 36.00 21.14
CA PRO A 193 -1.13 37.15 22.06
C PRO A 193 0.08 38.08 22.02
N ILE A 194 1.29 37.54 21.92
CA ILE A 194 2.46 38.42 21.90
C ILE A 194 2.42 39.31 20.65
N TYR A 195 1.91 38.81 19.53
CA TYR A 195 1.88 39.67 18.32
C TYR A 195 0.89 40.81 18.53
N VAL A 196 -0.25 40.50 19.14
CA VAL A 196 -1.23 41.52 19.39
C VAL A 196 -0.71 42.55 20.38
N GLU A 197 -0.09 42.09 21.46
CA GLU A 197 0.43 43.00 22.48
C GLU A 197 1.53 43.91 21.94
N THR A 198 2.39 43.36 21.10
CA THR A 198 3.49 44.13 20.54
C THR A 198 2.97 45.27 19.63
N VAL A 199 2.01 44.93 18.78
CA VAL A 199 1.45 45.91 17.86
C VAL A 199 0.58 46.93 18.62
N LYS A 200 -0.05 46.51 19.71
CA LYS A 200 -0.91 47.38 20.50
C LYS A 200 -0.13 48.55 21.09
N LYS A 201 1.15 48.31 21.35
CA LYS A 201 2.03 49.32 21.92
C LYS A 201 2.62 50.28 20.89
N LYS A 202 2.33 50.08 19.60
CA LYS A 202 2.81 51.01 18.57
C LYS A 202 1.81 52.18 18.51
N PRO A 203 2.29 53.41 18.73
CA PRO A 203 1.38 54.56 18.70
C PRO A 203 0.80 54.89 17.33
N ASN A 204 1.43 54.37 16.29
CA ASN A 204 0.97 54.64 14.94
C ASN A 204 0.23 53.45 14.32
N VAL A 205 -0.31 52.56 15.14
CA VAL A 205 -1.16 51.48 14.60
C VAL A 205 -2.53 51.66 15.26
N GLU A 206 -3.55 51.75 14.42
CA GLU A 206 -4.91 51.85 14.89
C GLU A 206 -5.64 50.54 14.53
N PHE A 207 -6.24 49.92 15.56
CA PHE A 207 -7.00 48.71 15.35
C PHE A 207 -8.37 49.13 14.84
N VAL A 208 -8.83 48.55 13.74
CA VAL A 208 -10.16 48.82 13.21
C VAL A 208 -10.85 47.45 13.18
N LEU A 209 -11.31 47.03 14.37
CA LEU A 209 -11.97 45.74 14.52
C LEU A 209 -13.45 45.79 14.11
N ASN A 210 -14.05 44.60 13.99
CA ASN A 210 -15.46 44.45 13.59
C ASN A 210 -15.73 45.16 12.27
N SER A 211 -14.76 45.21 11.37
CA SER A 211 -14.90 45.97 10.15
C SER A 211 -14.43 45.28 8.91
N VAL A 212 -14.94 45.78 7.80
CA VAL A 212 -14.59 45.29 6.48
C VAL A 212 -14.32 46.45 5.54
N VAL A 213 -13.52 46.18 4.52
CA VAL A 213 -13.23 47.19 3.53
C VAL A 213 -14.29 47.01 2.47
N LYS A 214 -15.09 48.06 2.28
CA LYS A 214 -16.16 48.07 1.30
C LYS A 214 -15.65 48.34 -0.10
N GLU A 215 -14.58 49.13 -0.19
CA GLU A 215 -14.05 49.49 -1.49
C GLU A 215 -12.65 50.08 -1.40
N ILE A 216 -11.84 49.78 -2.41
CA ILE A 216 -10.49 50.33 -2.50
C ILE A 216 -10.63 51.31 -3.67
N LYS A 217 -10.34 52.58 -3.41
CA LYS A 217 -10.48 53.63 -4.42
C LYS A 217 -9.19 54.35 -4.74
N GLY A 218 -9.12 54.98 -5.90
CA GLY A 218 -7.91 55.71 -6.26
C GLY A 218 -8.02 56.32 -7.65
N ASP A 219 -6.91 56.84 -8.16
CA ASP A 219 -6.91 57.40 -9.51
C ASP A 219 -6.08 56.41 -10.32
N LYS A 220 -4.77 56.60 -10.34
CA LYS A 220 -3.88 55.68 -11.05
C LYS A 220 -3.29 54.76 -10.00
N VAL A 221 -3.37 55.21 -8.75
CA VAL A 221 -2.87 54.44 -7.63
C VAL A 221 -3.91 54.51 -6.52
N VAL A 222 -3.79 53.62 -5.54
CA VAL A 222 -4.70 53.61 -4.40
C VAL A 222 -4.63 54.94 -3.64
N LYS A 223 -5.79 55.45 -3.26
CA LYS A 223 -5.82 56.69 -2.48
C LYS A 223 -6.71 56.56 -1.25
N GLN A 224 -7.66 55.63 -1.27
CA GLN A 224 -8.58 55.50 -0.13
C GLN A 224 -9.16 54.14 0.07
N VAL A 225 -9.55 53.85 1.30
CA VAL A 225 -10.33 52.65 1.56
C VAL A 225 -11.55 53.10 2.32
N VAL A 226 -12.69 52.54 1.92
CA VAL A 226 -13.95 52.82 2.58
C VAL A 226 -14.14 51.61 3.50
N VAL A 227 -14.33 51.89 4.78
CA VAL A 227 -14.44 50.87 5.81
C VAL A 227 -15.80 50.89 6.46
N GLU A 228 -16.40 49.72 6.65
CA GLU A 228 -17.70 49.61 7.30
C GLU A 228 -17.59 48.79 8.57
N ASN A 229 -18.16 49.31 9.65
CA ASN A 229 -18.14 48.58 10.91
C ASN A 229 -19.39 47.72 10.86
N LEU A 230 -19.20 46.40 10.95
CA LEU A 230 -20.29 45.43 10.87
C LEU A 230 -21.26 45.51 12.03
N LYS A 231 -20.80 45.99 13.18
CA LYS A 231 -21.66 46.11 14.35
C LYS A 231 -22.43 47.42 14.40
N THR A 232 -21.79 48.51 14.04
CA THR A 232 -22.46 49.80 14.14
C THR A 232 -22.97 50.42 12.86
N GLY A 233 -22.52 49.89 11.72
CA GLY A 233 -22.93 50.44 10.44
C GLY A 233 -22.12 51.68 10.06
N GLU A 234 -21.30 52.19 10.99
CA GLU A 234 -20.51 53.38 10.69
C GLU A 234 -19.61 53.12 9.48
N ILE A 235 -19.56 54.10 8.58
CA ILE A 235 -18.74 54.05 7.38
C ILE A 235 -17.71 55.13 7.49
N LYS A 236 -16.43 54.78 7.28
CA LYS A 236 -15.35 55.75 7.32
C LYS A 236 -14.56 55.65 6.02
N GLU A 237 -14.01 56.78 5.59
CA GLU A 237 -13.15 56.80 4.42
C GLU A 237 -11.77 57.17 4.92
N LEU A 238 -10.83 56.25 4.75
CA LEU A 238 -9.46 56.49 5.19
C LEU A 238 -8.59 56.77 3.98
N ASN A 239 -7.70 57.75 4.09
CA ASN A 239 -6.80 58.08 3.00
C ASN A 239 -5.55 57.28 3.20
N VAL A 240 -5.33 56.33 2.28
CA VAL A 240 -4.17 55.46 2.37
C VAL A 240 -3.46 55.33 1.04
N ASN A 241 -2.16 55.08 1.08
CA ASN A 241 -1.35 54.96 -0.14
C ASN A 241 -1.09 53.48 -0.47
N GLY A 242 -1.35 52.62 0.49
CA GLY A 242 -1.16 51.20 0.25
C GLY A 242 -2.16 50.41 1.05
N VAL A 243 -2.56 49.25 0.49
CA VAL A 243 -3.48 48.33 1.14
C VAL A 243 -2.83 46.96 1.07
N PHE A 244 -2.59 46.40 2.23
CA PHE A 244 -1.92 45.10 2.36
C PHE A 244 -2.95 44.10 2.75
N ILE A 245 -3.23 43.14 1.85
CA ILE A 245 -4.25 42.14 2.14
C ILE A 245 -3.54 40.90 2.70
N GLU A 246 -3.77 40.66 3.98
CA GLU A 246 -3.10 39.62 4.76
C GLU A 246 -4.05 38.71 5.51
N ILE A 247 -4.85 37.99 4.73
CA ILE A 247 -5.81 37.11 5.35
C ILE A 247 -5.45 35.65 5.36
N GLY A 248 -4.19 35.37 5.08
CA GLY A 248 -3.75 34.00 5.17
C GLY A 248 -3.78 33.23 3.88
N PHE A 249 -3.42 31.97 4.04
CA PHE A 249 -3.27 31.05 2.92
C PHE A 249 -3.82 29.70 3.31
N ASP A 250 -4.33 28.95 2.33
CA ASP A 250 -4.87 27.61 2.55
C ASP A 250 -3.78 26.55 2.20
N PRO A 251 -3.43 25.64 3.14
CA PRO A 251 -2.43 24.61 2.82
C PRO A 251 -3.16 23.55 2.00
N PRO A 252 -2.40 22.68 1.30
CA PRO A 252 -2.96 21.65 0.45
C PRO A 252 -3.35 20.45 1.23
N THR A 253 -4.19 20.64 2.23
CA THR A 253 -4.63 19.51 3.04
C THR A 253 -5.41 18.47 2.25
N ASP A 254 -6.30 18.93 1.37
CA ASP A 254 -7.10 17.98 0.58
C ASP A 254 -6.20 17.14 -0.33
N PHE A 255 -5.21 17.78 -0.95
CA PHE A 255 -4.31 17.04 -1.86
C PHE A 255 -3.54 16.01 -1.05
N ALA A 256 -3.01 16.44 0.08
CA ALA A 256 -2.28 15.52 0.95
C ALA A 256 -3.13 14.32 1.38
N LYS A 257 -4.31 14.59 1.91
CA LYS A 257 -5.18 13.50 2.35
C LYS A 257 -5.57 12.55 1.24
N SER A 258 -5.89 13.09 0.08
CA SER A 258 -6.27 12.32 -1.08
C SER A 258 -5.16 11.38 -1.50
N ASN A 259 -3.91 11.79 -1.26
CA ASN A 259 -2.78 10.99 -1.70
C ASN A 259 -2.04 10.27 -0.60
N GLY A 260 -2.70 10.14 0.54
CA GLY A 260 -2.15 9.38 1.65
C GLY A 260 -0.91 9.96 2.31
N ILE A 261 -0.82 11.27 2.31
CA ILE A 261 0.33 11.96 2.87
C ILE A 261 -0.10 12.66 4.13
N GLU A 262 0.61 12.45 5.22
CA GLU A 262 0.27 13.05 6.48
C GLU A 262 0.42 14.53 6.55
N THR A 263 -0.54 15.16 7.21
CA THR A 263 -0.50 16.58 7.42
C THR A 263 -0.47 16.83 8.90
N ASP A 264 0.11 17.95 9.28
CA ASP A 264 0.16 18.31 10.68
C ASP A 264 -1.19 18.85 11.09
N THR A 265 -1.30 19.22 12.36
CA THR A 265 -2.58 19.71 12.81
C THR A 265 -2.91 21.13 12.28
N ASN A 266 -2.02 21.72 11.46
CA ASN A 266 -2.27 23.03 10.84
C ASN A 266 -2.70 22.82 9.37
N GLY A 267 -2.69 21.57 8.97
CA GLY A 267 -3.10 21.21 7.61
C GLY A 267 -1.99 21.21 6.58
N TYR A 268 -0.76 21.47 7.02
CA TYR A 268 0.38 21.49 6.10
C TYR A 268 1.01 20.13 5.97
N ILE A 269 1.71 19.88 4.87
CA ILE A 269 2.35 18.58 4.70
C ILE A 269 3.47 18.46 5.71
N LYS A 270 3.39 17.41 6.52
CA LYS A 270 4.37 17.24 7.57
C LYS A 270 5.65 16.69 7.01
N VAL A 271 6.72 17.39 7.30
CA VAL A 271 8.04 16.94 6.88
C VAL A 271 8.97 16.93 8.06
N ASP A 272 10.00 16.11 7.95
CA ASP A 272 11.03 16.10 8.96
C ASP A 272 12.11 17.06 8.50
N GLU A 273 13.23 17.07 9.20
CA GLU A 273 14.32 17.98 8.87
C GLU A 273 14.80 17.88 7.41
N TRP A 274 14.76 16.68 6.89
CA TRP A 274 15.25 16.36 5.55
C TRP A 274 14.20 16.39 4.46
N MET A 275 13.09 17.05 4.78
CA MET A 275 11.99 17.25 3.84
C MET A 275 11.27 15.96 3.48
N ARG A 276 11.37 14.92 4.33
CA ARG A 276 10.69 13.67 4.09
C ARG A 276 9.26 13.75 4.58
N THR A 277 8.33 13.31 3.76
CA THR A 277 6.92 13.21 4.18
C THR A 277 6.70 11.84 4.84
N SER A 278 5.46 11.54 5.17
CA SER A 278 5.15 10.25 5.81
C SER A 278 5.19 9.10 4.83
N VAL A 279 5.29 9.39 3.54
CA VAL A 279 5.33 8.36 2.51
C VAL A 279 6.75 8.20 2.02
N PRO A 280 7.36 7.02 2.22
CA PRO A 280 8.74 6.87 1.73
C PRO A 280 8.82 7.19 0.24
N GLY A 281 9.85 7.96 -0.13
CA GLY A 281 10.01 8.29 -1.54
C GLY A 281 9.30 9.57 -1.95
N VAL A 282 8.49 10.13 -1.08
CA VAL A 282 7.81 11.40 -1.34
C VAL A 282 8.38 12.43 -0.39
N PHE A 283 8.88 13.51 -0.96
CA PHE A 283 9.48 14.64 -0.22
C PHE A 283 8.67 15.87 -0.49
N ALA A 284 8.90 16.92 0.29
CA ALA A 284 8.18 18.18 0.05
C ALA A 284 9.02 19.35 0.40
N ALA A 285 8.77 20.49 -0.22
CA ALA A 285 9.55 21.68 0.04
C ALA A 285 8.71 22.91 -0.18
N GLY A 286 9.08 23.99 0.50
CA GLY A 286 8.41 25.28 0.30
C GLY A 286 7.24 25.50 1.24
N ASP A 287 6.38 26.43 0.86
CA ASP A 287 5.34 26.71 1.83
C ASP A 287 4.24 25.75 1.99
N CYS A 288 4.22 24.66 1.22
CA CYS A 288 3.23 23.64 1.52
C CYS A 288 3.62 22.79 2.74
N THR A 289 4.85 22.96 3.23
CA THR A 289 5.32 22.10 4.32
C THR A 289 5.17 22.71 5.73
N SER A 290 5.37 21.82 6.71
CA SER A 290 5.32 22.18 8.12
C SER A 290 6.60 22.84 8.60
N ALA A 291 7.65 22.86 7.78
CA ALA A 291 8.96 23.42 8.16
C ALA A 291 8.98 24.91 8.01
N TRP A 292 9.42 25.58 9.06
CA TRP A 292 9.42 27.03 9.10
C TRP A 292 8.03 27.56 8.81
N LEU A 293 7.03 26.88 9.35
CA LEU A 293 5.66 27.28 9.12
C LEU A 293 5.38 28.74 9.46
N GLY A 294 4.73 29.43 8.53
CA GLY A 294 4.39 30.82 8.77
C GLY A 294 5.40 31.75 8.14
N PHE A 295 6.60 31.24 7.87
CA PHE A 295 7.64 32.08 7.27
C PHE A 295 7.62 31.66 5.79
N ARG A 296 7.09 32.52 4.95
CA ARG A 296 6.90 32.26 3.52
C ARG A 296 7.80 33.19 2.76
N GLN A 297 8.92 32.65 2.30
CA GLN A 297 9.91 33.46 1.61
C GLN A 297 10.52 32.68 0.42
N VAL A 298 10.96 33.42 -0.58
CA VAL A 298 11.58 32.78 -1.72
C VAL A 298 12.86 32.06 -1.33
N ILE A 299 13.72 32.72 -0.53
CA ILE A 299 14.98 32.10 -0.23
C ILE A 299 14.80 30.78 0.52
N THR A 300 13.88 30.74 1.48
CA THR A 300 13.71 29.49 2.21
C THR A 300 13.03 28.38 1.37
N ALA A 301 12.13 28.76 0.44
CA ALA A 301 11.54 27.73 -0.44
C ALA A 301 12.63 27.15 -1.36
N VAL A 302 13.49 28.02 -1.91
CA VAL A 302 14.54 27.52 -2.79
C VAL A 302 15.48 26.61 -2.02
N ALA A 303 15.84 26.99 -0.79
CA ALA A 303 16.71 26.15 0.02
C ALA A 303 16.05 24.80 0.38
N GLN A 304 14.78 24.85 0.77
CA GLN A 304 14.11 23.59 1.09
C GLN A 304 14.05 22.70 -0.16
N GLY A 305 13.91 23.31 -1.35
CA GLY A 305 13.94 22.51 -2.58
C GLY A 305 15.27 21.81 -2.75
N ALA A 306 16.38 22.50 -2.44
CA ALA A 306 17.68 21.85 -2.55
C ALA A 306 17.77 20.66 -1.59
N VAL A 307 17.24 20.81 -0.38
CA VAL A 307 17.29 19.73 0.60
C VAL A 307 16.41 18.56 0.15
N ALA A 308 15.19 18.86 -0.30
CA ALA A 308 14.32 17.78 -0.78
C ALA A 308 14.96 17.05 -1.95
N ALA A 309 15.63 17.75 -2.86
CA ALA A 309 16.29 17.08 -3.97
C ALA A 309 17.40 16.19 -3.47
N THR A 310 18.12 16.64 -2.43
CA THR A 310 19.21 15.86 -1.88
C THR A 310 18.62 14.60 -1.23
N SER A 311 17.50 14.75 -0.51
CA SER A 311 16.89 13.55 0.08
C SER A 311 16.38 12.61 -1.00
N ALA A 312 15.79 13.15 -2.07
CA ALA A 312 15.32 12.27 -3.16
C ALA A 312 16.53 11.59 -3.81
N TYR A 313 17.62 12.30 -4.04
CA TYR A 313 18.82 11.71 -4.59
C TYR A 313 19.29 10.52 -3.75
N ARG A 314 19.37 10.72 -2.45
CA ARG A 314 19.82 9.64 -1.56
C ARG A 314 18.86 8.48 -1.59
N TYR A 315 17.57 8.76 -1.62
CA TYR A 315 16.57 7.73 -1.66
C TYR A 315 16.68 6.90 -2.96
N VAL A 316 16.75 7.58 -4.09
CA VAL A 316 16.78 6.90 -5.39
C VAL A 316 18.05 6.08 -5.56
N THR A 317 19.18 6.67 -5.27
CA THR A 317 20.43 5.95 -5.39
C THR A 317 20.52 4.78 -4.45
N GLU A 318 20.00 4.90 -3.25
CA GLU A 318 20.07 3.76 -2.34
C GLU A 318 19.06 2.67 -2.76
N LYS A 319 17.94 3.07 -3.36
CA LYS A 319 16.93 2.12 -3.82
C LYS A 319 17.47 1.35 -5.00
N VAL B 10 30.28 53.61 13.03
CA VAL B 10 30.01 53.12 14.38
C VAL B 10 31.20 53.33 15.35
N LYS B 11 30.87 53.46 16.64
CA LYS B 11 31.89 53.62 17.68
C LYS B 11 31.66 52.68 18.83
N PRO B 12 32.75 52.37 19.57
CA PRO B 12 32.69 51.47 20.70
C PRO B 12 31.60 51.88 21.68
N GLY B 13 31.00 50.86 22.29
CA GLY B 13 29.95 51.12 23.25
C GLY B 13 28.59 51.32 22.63
N GLU B 14 28.53 51.50 21.32
CA GLU B 14 27.23 51.69 20.69
C GLU B 14 26.40 50.41 20.79
N LYS B 15 25.08 50.58 20.96
CA LYS B 15 24.21 49.42 21.08
C LYS B 15 23.41 49.21 19.82
N PHE B 16 23.26 47.94 19.49
CA PHE B 16 22.50 47.51 18.32
C PHE B 16 21.43 46.54 18.74
N ASP B 17 20.40 46.41 17.89
CA ASP B 17 19.34 45.44 18.14
C ASP B 17 19.92 44.05 17.87
N VAL B 18 20.77 43.98 16.85
CA VAL B 18 21.40 42.71 16.51
C VAL B 18 22.79 42.93 15.98
N ILE B 19 23.68 42.08 16.47
CA ILE B 19 25.03 42.04 15.95
C ILE B 19 25.18 40.64 15.31
N ILE B 20 25.63 40.68 14.04
CA ILE B 20 25.86 39.47 13.23
C ILE B 20 27.34 39.24 13.19
N VAL B 21 27.77 38.04 13.56
CA VAL B 21 29.18 37.69 13.56
C VAL B 21 29.46 36.83 12.33
N GLY B 22 30.36 37.30 11.47
CA GLY B 22 30.68 36.59 10.25
C GLY B 22 30.38 37.46 9.04
N LEU B 23 30.93 37.07 7.89
CA LEU B 23 30.71 37.81 6.66
C LEU B 23 30.66 36.86 5.47
N GLY B 24 30.12 35.66 5.72
CA GLY B 24 29.93 34.69 4.66
C GLY B 24 28.46 34.73 4.28
N PRO B 25 28.04 33.79 3.40
CA PRO B 25 26.65 33.72 2.96
C PRO B 25 25.62 33.81 4.09
N ALA B 26 25.83 33.09 5.20
CA ALA B 26 24.84 33.13 6.27
C ALA B 26 24.70 34.54 6.86
N ALA B 27 25.83 35.21 7.12
CA ALA B 27 25.79 36.55 7.69
C ALA B 27 25.17 37.53 6.69
N TYR B 28 25.52 37.41 5.40
CA TYR B 28 24.89 38.32 4.42
C TYR B 28 23.39 38.09 4.42
N GLY B 29 22.98 36.83 4.43
CA GLY B 29 21.55 36.51 4.43
C GLY B 29 20.84 37.07 5.65
N ALA B 30 21.46 36.94 6.82
CA ALA B 30 20.87 37.49 8.04
C ALA B 30 20.88 39.01 8.02
N ALA B 31 21.93 39.63 7.47
CA ALA B 31 21.99 41.09 7.45
C ALA B 31 20.94 41.67 6.55
N LEU B 32 20.68 41.01 5.42
CA LEU B 32 19.66 41.52 4.51
C LEU B 32 18.30 41.53 5.20
N TYR B 33 17.94 40.42 5.86
CA TYR B 33 16.66 40.38 6.52
C TYR B 33 16.63 41.29 7.75
N SER B 34 17.71 41.32 8.53
CA SER B 34 17.74 42.15 9.73
C SER B 34 17.53 43.61 9.35
N ALA B 35 18.21 44.08 8.31
CA ALA B 35 18.07 45.47 7.86
C ALA B 35 16.64 45.69 7.37
N ARG B 36 16.09 44.73 6.62
CA ARG B 36 14.73 44.94 6.12
C ARG B 36 13.68 44.92 7.24
N TYR B 37 13.96 44.33 8.38
CA TYR B 37 13.03 44.37 9.50
C TYR B 37 13.23 45.68 10.30
N MET B 38 14.13 46.54 9.82
CA MET B 38 14.49 47.80 10.48
C MET B 38 15.14 47.60 11.83
N LEU B 39 15.86 46.50 11.97
CA LEU B 39 16.61 46.25 13.18
C LEU B 39 17.90 47.03 12.99
N LYS B 40 18.35 47.68 14.08
CA LYS B 40 19.62 48.40 14.04
C LYS B 40 20.66 47.27 14.08
N THR B 41 21.31 47.09 12.94
CA THR B 41 22.22 45.99 12.70
C THR B 41 23.67 46.34 12.50
N LEU B 42 24.55 45.52 13.09
CA LEU B 42 25.97 45.66 12.88
C LEU B 42 26.50 44.29 12.45
N VAL B 43 27.35 44.26 11.43
CA VAL B 43 27.97 43.00 11.02
C VAL B 43 29.46 43.12 11.32
N ILE B 44 30.00 42.12 12.02
CA ILE B 44 31.43 42.10 12.29
C ILE B 44 31.91 40.75 11.74
N GLY B 45 32.77 40.79 10.74
CA GLY B 45 33.27 39.56 10.15
C GLY B 45 34.72 39.68 9.70
N GLU B 46 35.46 38.58 9.72
CA GLU B 46 36.86 38.65 9.34
C GLU B 46 37.12 38.59 7.86
N THR B 47 36.55 37.59 7.19
CA THR B 47 36.81 37.37 5.77
C THR B 47 35.55 37.55 4.94
N PRO B 48 35.46 38.63 4.15
CA PRO B 48 34.26 38.83 3.33
C PRO B 48 34.07 37.65 2.37
N GLY B 49 32.88 37.05 2.38
CA GLY B 49 32.62 35.93 1.51
C GLY B 49 32.84 34.58 2.15
N GLY B 50 33.58 34.55 3.27
CA GLY B 50 33.83 33.28 3.91
C GLY B 50 34.41 32.26 2.96
N GLN B 51 33.93 31.04 3.00
CA GLN B 51 34.43 29.96 2.16
C GLN B 51 34.35 30.28 0.66
N LEU B 52 33.51 31.25 0.28
CA LEU B 52 33.45 31.61 -1.15
C LEU B 52 34.79 32.10 -1.67
N THR B 53 35.67 32.52 -0.78
CA THR B 53 37.00 33.00 -1.20
C THR B 53 37.86 31.91 -1.79
N GLU B 54 37.48 30.65 -1.58
CA GLU B 54 38.21 29.53 -2.14
C GLU B 54 37.43 28.77 -3.19
N ALA B 55 36.21 29.24 -3.50
CA ALA B 55 35.36 28.54 -4.49
C ALA B 55 35.65 29.03 -5.91
N GLY B 56 35.18 28.28 -6.90
CA GLY B 56 35.41 28.67 -8.29
C GLY B 56 34.18 29.34 -8.87
N ILE B 57 33.42 28.58 -9.63
CA ILE B 57 32.19 29.07 -10.22
C ILE B 57 31.06 28.46 -9.39
N VAL B 58 30.03 29.23 -9.12
CA VAL B 58 28.90 28.71 -8.35
C VAL B 58 27.73 28.64 -9.32
N ASP B 59 27.20 27.44 -9.54
CA ASP B 59 26.05 27.26 -10.43
C ASP B 59 24.87 26.59 -9.79
N ASP B 60 24.86 26.57 -8.46
CA ASP B 60 23.75 25.97 -7.75
C ASP B 60 23.03 26.88 -6.80
N TYR B 61 23.19 28.18 -6.97
CA TYR B 61 22.45 29.19 -6.22
C TYR B 61 21.47 29.74 -7.25
N LEU B 62 20.23 29.31 -7.12
CA LEU B 62 19.22 29.58 -8.14
C LEU B 62 19.09 31.03 -8.50
N GLY B 63 19.22 31.29 -9.82
CA GLY B 63 19.05 32.64 -10.31
C GLY B 63 20.33 33.38 -10.56
N LEU B 64 21.46 32.92 -10.01
CA LEU B 64 22.78 33.54 -10.31
C LEU B 64 23.51 32.49 -11.10
N ILE B 65 23.33 32.53 -12.40
CA ILE B 65 23.83 31.48 -13.24
C ILE B 65 25.31 31.59 -13.49
N GLU B 66 26.03 30.51 -13.24
CA GLU B 66 27.47 30.46 -13.46
C GLU B 66 28.20 31.66 -12.95
N ILE B 67 27.97 32.01 -11.71
CA ILE B 67 28.61 33.20 -11.18
C ILE B 67 29.94 32.87 -10.55
N GLN B 68 30.98 33.64 -10.88
CA GLN B 68 32.25 33.42 -10.21
C GLN B 68 32.04 33.70 -8.73
N ALA B 69 32.64 32.87 -7.88
CA ALA B 69 32.46 33.09 -6.45
C ALA B 69 32.85 34.50 -6.02
N SER B 70 33.92 35.05 -6.61
CA SER B 70 34.32 36.40 -6.23
C SER B 70 33.25 37.42 -6.62
N ASP B 71 32.54 37.17 -7.72
CA ASP B 71 31.45 38.06 -8.13
C ASP B 71 30.21 37.88 -7.24
N MET B 72 30.03 36.66 -6.71
CA MET B 72 28.93 36.41 -5.78
C MET B 72 29.20 37.18 -4.48
N ILE B 73 30.47 37.18 -4.02
CA ILE B 73 30.76 37.95 -2.81
C ILE B 73 30.46 39.44 -3.05
N LYS B 74 30.89 39.93 -4.21
CA LYS B 74 30.66 41.33 -4.54
C LYS B 74 29.18 41.71 -4.56
N VAL B 75 28.33 40.86 -5.16
CA VAL B 75 26.94 41.22 -5.23
C VAL B 75 26.22 41.02 -3.90
N PHE B 76 26.65 40.04 -3.09
CA PHE B 76 26.07 39.87 -1.75
C PHE B 76 26.42 41.12 -0.93
N ASN B 77 27.67 41.58 -1.05
CA ASN B 77 28.07 42.80 -0.31
C ASN B 77 27.29 44.01 -0.79
N LYS B 78 27.16 44.14 -2.10
CA LYS B 78 26.42 45.26 -2.68
C LYS B 78 24.98 45.27 -2.16
N HIS B 79 24.40 44.09 -2.04
CA HIS B 79 23.02 44.02 -1.61
C HIS B 79 22.82 44.52 -0.17
N ILE B 80 23.67 44.10 0.75
CA ILE B 80 23.48 44.59 2.11
C ILE B 80 23.94 46.04 2.25
N GLU B 81 24.86 46.48 1.40
CA GLU B 81 25.27 47.87 1.56
C GLU B 81 24.22 48.79 0.99
N LYS B 82 23.32 48.28 0.16
CA LYS B 82 22.22 49.09 -0.35
C LYS B 82 21.37 49.51 0.84
N TYR B 83 21.35 48.67 1.89
CA TYR B 83 20.61 48.90 3.11
C TYR B 83 21.48 49.61 4.16
N GLU B 84 22.66 50.05 3.73
CA GLU B 84 23.60 50.81 4.59
C GLU B 84 23.93 50.09 5.89
N VAL B 85 24.09 48.78 5.79
CA VAL B 85 24.42 48.01 6.97
C VAL B 85 25.89 48.24 7.30
N PRO B 86 26.18 48.70 8.52
CA PRO B 86 27.60 48.88 8.77
C PRO B 86 28.29 47.53 8.94
N VAL B 87 29.44 47.43 8.29
CA VAL B 87 30.26 46.22 8.33
C VAL B 87 31.63 46.55 8.89
N LEU B 88 32.02 45.84 9.94
CA LEU B 88 33.36 46.00 10.51
C LEU B 88 34.13 44.75 10.16
N LEU B 89 35.32 44.93 9.61
CA LEU B 89 36.15 43.79 9.27
C LEU B 89 37.08 43.57 10.46
N ASP B 90 36.75 42.57 11.27
CA ASP B 90 37.51 42.28 12.46
C ASP B 90 37.04 40.93 12.98
N ILE B 91 37.74 40.46 13.99
CA ILE B 91 37.46 39.22 14.63
C ILE B 91 36.73 39.51 15.93
N VAL B 92 35.68 38.74 16.16
CA VAL B 92 34.93 38.81 17.40
C VAL B 92 35.62 37.82 18.34
N GLU B 93 36.07 38.37 19.47
CA GLU B 93 36.81 37.63 20.47
C GLU B 93 35.96 37.01 21.56
N LYS B 94 34.83 37.66 21.87
CA LYS B 94 33.98 37.18 22.95
C LYS B 94 32.57 37.75 22.87
N ILE B 95 31.61 37.00 23.37
CA ILE B 95 30.22 37.44 23.43
C ILE B 95 29.82 37.26 24.91
N GLU B 96 29.77 38.37 25.64
CA GLU B 96 29.43 38.31 27.07
C GLU B 96 27.94 38.48 27.28
N ASN B 97 27.36 37.58 28.05
CA ASN B 97 25.93 37.60 28.35
C ASN B 97 25.76 38.34 29.69
N ARG B 98 25.34 39.60 29.65
CA ARG B 98 25.13 40.36 30.88
C ARG B 98 23.67 40.22 31.33
N ASP B 100 20.91 40.85 30.70
CA ASP B 100 20.38 42.17 30.34
C ASP B 100 20.57 42.52 28.87
N GLU B 101 21.78 42.26 28.38
CA GLU B 101 22.13 42.55 27.00
C GLU B 101 23.46 41.85 26.77
N PHE B 102 23.89 41.82 25.51
CA PHE B 102 25.16 41.21 25.16
C PHE B 102 26.20 42.27 24.89
N VAL B 103 27.44 41.91 25.22
CA VAL B 103 28.56 42.78 24.92
C VAL B 103 29.41 41.93 23.98
N VAL B 104 29.64 42.44 22.78
CA VAL B 104 30.42 41.71 21.78
C VAL B 104 31.77 42.40 21.72
N LYS B 105 32.82 41.65 22.06
CA LYS B 105 34.17 42.20 22.10
C LYS B 105 34.97 41.82 20.87
N THR B 106 35.55 42.80 20.21
CA THR B 106 36.35 42.59 19.01
C THR B 106 37.82 42.74 19.27
N LYS B 107 38.61 42.30 18.32
CA LYS B 107 40.06 42.40 18.45
C LYS B 107 40.59 43.82 18.30
N ARG B 108 40.07 44.56 17.34
CA ARG B 108 40.58 45.91 17.07
C ARG B 108 39.62 47.08 17.09
N LYS B 109 38.33 46.79 17.17
CA LYS B 109 37.33 47.85 17.11
C LYS B 109 36.58 48.17 18.39
N GLY B 110 37.03 47.64 19.51
CA GLY B 110 36.31 47.92 20.74
C GLY B 110 35.19 46.93 20.99
N GLU B 111 34.30 47.27 21.90
CA GLU B 111 33.20 46.41 22.27
C GLU B 111 31.91 47.11 21.85
N PHE B 112 30.88 46.32 21.57
CA PHE B 112 29.60 46.87 21.17
C PHE B 112 28.54 46.12 21.95
N LYS B 113 27.40 46.75 22.16
CA LYS B 113 26.33 46.13 22.90
C LYS B 113 25.23 45.68 21.94
N ALA B 114 24.49 44.67 22.32
CA ALA B 114 23.43 44.19 21.46
C ALA B 114 22.35 43.50 22.24
N ASP B 115 21.13 43.60 21.73
CA ASP B 115 20.03 42.90 22.35
C ASP B 115 20.00 41.45 21.89
N SER B 116 20.56 41.19 20.71
CA SER B 116 20.59 39.81 20.21
C SER B 116 21.82 39.67 19.35
N VAL B 117 22.24 38.42 19.15
CA VAL B 117 23.42 38.12 18.35
C VAL B 117 23.09 36.97 17.39
N ILE B 118 23.62 37.07 16.18
CA ILE B 118 23.46 35.97 15.19
C ILE B 118 24.86 35.54 14.82
N LEU B 119 25.15 34.27 15.02
CA LEU B 119 26.45 33.73 14.67
C LEU B 119 26.41 33.05 13.30
N GLY B 120 27.19 33.56 12.35
CA GLY B 120 27.33 32.95 11.01
C GLY B 120 28.79 32.70 10.84
N ILE B 121 29.39 31.95 11.75
CA ILE B 121 30.85 31.83 11.77
C ILE B 121 31.45 30.71 11.00
N GLY B 122 30.59 29.90 10.38
CA GLY B 122 31.08 28.89 9.48
C GLY B 122 31.95 27.83 10.06
N VAL B 123 32.67 27.15 9.18
CA VAL B 123 33.60 26.09 9.54
C VAL B 123 34.87 26.27 8.75
N LYS B 124 35.91 25.61 9.20
CA LYS B 124 37.20 25.69 8.56
C LYS B 124 37.46 24.39 7.85
N ARG B 125 37.86 24.47 6.59
CA ARG B 125 38.17 23.29 5.82
C ARG B 125 39.38 22.60 6.44
N ARG B 126 39.33 21.29 6.60
CA ARG B 126 40.50 20.57 7.12
C ARG B 126 41.51 20.55 6.00
N LYS B 127 42.78 20.72 6.32
CA LYS B 127 43.81 20.77 5.30
C LYS B 127 44.52 19.46 5.02
N LEU B 128 44.68 19.17 3.73
CA LEU B 128 45.38 17.99 3.28
C LEU B 128 46.85 18.39 3.15
N GLY B 129 47.13 19.36 2.28
CA GLY B 129 48.50 19.84 2.11
C GLY B 129 49.43 18.98 1.28
N VAL B 130 48.92 18.33 0.24
CA VAL B 130 49.84 17.51 -0.54
C VAL B 130 50.52 18.33 -1.61
N PRO B 131 51.74 17.92 -2.00
CA PRO B 131 52.46 18.66 -3.03
C PRO B 131 51.63 18.85 -4.29
N GLY B 132 51.61 20.10 -4.76
CA GLY B 132 50.86 20.44 -5.95
C GLY B 132 49.47 20.98 -5.66
N GLU B 133 48.99 20.79 -4.45
CA GLU B 133 47.64 21.23 -4.13
C GLU B 133 47.40 22.73 -4.28
N GLN B 134 48.27 23.53 -3.68
CA GLN B 134 48.09 24.99 -3.76
C GLN B 134 48.40 25.51 -5.15
N GLU B 135 49.34 24.85 -5.82
CA GLU B 135 49.73 25.25 -7.17
C GLU B 135 48.61 25.06 -8.19
N PHE B 136 47.84 23.98 -8.04
CA PHE B 136 46.77 23.70 -8.98
C PHE B 136 45.38 24.12 -8.54
N ALA B 137 45.32 24.98 -7.53
CA ALA B 137 44.05 25.54 -7.07
C ALA B 137 43.43 26.19 -8.30
N GLY B 138 42.15 25.89 -8.53
CA GLY B 138 41.44 26.45 -9.66
C GLY B 138 41.86 25.94 -11.02
N ARG B 139 42.75 24.94 -11.06
CA ARG B 139 43.23 24.39 -12.32
C ARG B 139 43.12 22.88 -12.31
N GLY B 140 42.05 22.39 -11.70
CA GLY B 140 41.82 20.96 -11.65
C GLY B 140 41.55 20.40 -10.27
N ILE B 141 41.78 21.19 -9.22
CA ILE B 141 41.53 20.73 -7.86
C ILE B 141 40.23 21.38 -7.40
N SER B 142 39.38 20.59 -6.75
CA SER B 142 38.13 21.09 -6.23
C SER B 142 37.95 20.56 -4.84
N TYR B 143 37.25 21.34 -4.03
CA TYR B 143 36.93 20.94 -2.67
C TYR B 143 35.44 20.71 -2.51
N CYS B 144 34.70 20.69 -3.62
CA CYS B 144 33.27 20.52 -3.54
C CYS B 144 32.71 19.74 -4.71
N SER B 145 32.54 18.43 -4.50
CA SER B 145 32.02 17.52 -5.54
C SER B 145 30.65 17.90 -6.01
N VAL B 146 29.75 18.23 -5.09
CA VAL B 146 28.40 18.58 -5.51
C VAL B 146 28.43 19.80 -6.40
N ALA B 147 29.32 20.74 -6.11
CA ALA B 147 29.42 21.94 -6.94
C ALA B 147 30.04 21.70 -8.30
N ASP B 148 31.15 20.98 -8.33
CA ASP B 148 31.90 20.86 -9.56
C ASP B 148 31.79 19.62 -10.40
N ALA B 149 31.11 18.60 -9.88
CA ALA B 149 30.99 17.37 -10.64
C ALA B 149 30.51 17.54 -12.07
N PRO B 150 29.49 18.40 -12.32
CA PRO B 150 28.97 18.60 -13.67
C PRO B 150 30.01 19.07 -14.68
N LEU B 151 31.13 19.64 -14.20
CA LEU B 151 32.18 20.12 -15.08
C LEU B 151 33.16 19.02 -15.49
N PHE B 152 32.97 17.82 -14.98
CA PHE B 152 33.89 16.74 -15.28
C PHE B 152 33.25 15.60 -16.01
N LYS B 153 32.23 15.93 -16.78
CA LYS B 153 31.58 14.92 -17.60
C LYS B 153 32.62 14.33 -18.60
N ASN B 154 32.66 13.00 -18.68
CA ASN B 154 33.58 12.28 -19.56
C ASN B 154 35.05 12.52 -19.29
N ARG B 155 35.37 12.85 -18.05
CA ARG B 155 36.77 13.05 -17.68
C ARG B 155 37.09 12.05 -16.57
N VAL B 156 38.36 11.97 -16.19
CA VAL B 156 38.76 11.01 -15.16
C VAL B 156 39.06 11.84 -13.92
N VAL B 157 38.56 11.41 -12.78
CA VAL B 157 38.79 12.15 -11.55
C VAL B 157 39.20 11.25 -10.39
N ALA B 158 39.82 11.87 -9.40
CA ALA B 158 40.14 11.20 -8.16
C ALA B 158 39.44 11.99 -7.03
N VAL B 159 38.92 11.27 -6.06
CA VAL B 159 38.32 11.84 -4.85
C VAL B 159 39.20 11.35 -3.71
N ILE B 160 39.67 12.28 -2.87
CA ILE B 160 40.48 11.93 -1.72
C ILE B 160 39.66 12.15 -0.47
N GLY B 161 39.49 11.09 0.30
CA GLY B 161 38.77 11.17 1.55
C GLY B 161 38.07 9.87 1.85
N GLY B 162 37.51 9.78 3.06
CA GLY B 162 36.88 8.53 3.44
C GLY B 162 35.59 8.65 4.22
N GLY B 163 35.09 9.87 4.43
CA GLY B 163 33.82 10.03 5.14
C GLY B 163 32.65 10.18 4.18
N ASP B 164 31.55 10.68 4.73
CA ASP B 164 30.36 10.85 3.93
C ASP B 164 30.54 11.78 2.73
N SER B 165 31.23 12.91 2.91
CA SER B 165 31.39 13.80 1.77
C SER B 165 32.21 13.17 0.67
N ALA B 166 33.23 12.39 1.00
CA ALA B 166 34.00 11.75 -0.09
C ALA B 166 33.17 10.69 -0.81
N LEU B 167 32.44 9.89 -0.05
CA LEU B 167 31.65 8.84 -0.68
C LEU B 167 30.52 9.39 -1.53
N GLU B 168 29.82 10.38 -1.00
CA GLU B 168 28.74 10.93 -1.82
C GLU B 168 29.35 11.68 -3.01
N GLY B 169 30.52 12.29 -2.80
CA GLY B 169 31.19 12.98 -3.91
C GLY B 169 31.50 12.00 -5.02
N ALA B 170 32.06 10.86 -4.64
CA ALA B 170 32.34 9.82 -5.63
C ALA B 170 31.06 9.35 -6.32
N GLU B 171 29.99 9.20 -5.55
CA GLU B 171 28.71 8.76 -6.13
C GLU B 171 28.23 9.76 -7.23
N ILE B 172 28.27 11.04 -6.89
CA ILE B 172 27.84 12.03 -7.87
C ILE B 172 28.76 12.12 -9.09
N LEU B 173 30.06 12.11 -8.81
CA LEU B 173 31.02 12.15 -9.91
C LEU B 173 30.88 10.92 -10.81
N SER B 174 30.49 9.78 -10.26
CA SER B 174 30.36 8.58 -11.11
C SER B 174 29.30 8.75 -12.18
N SER B 175 28.37 9.69 -11.98
CA SER B 175 27.32 9.94 -12.99
C SER B 175 27.77 10.87 -14.11
N TYR B 176 28.93 11.49 -13.97
CA TYR B 176 29.47 12.41 -14.95
C TYR B 176 30.77 11.90 -15.57
N SER B 177 31.69 11.47 -14.71
CA SER B 177 33.01 11.08 -15.15
C SER B 177 33.13 9.67 -15.70
N THR B 178 34.11 9.49 -16.56
CA THR B 178 34.40 8.18 -17.16
C THR B 178 34.87 7.20 -16.09
N LYS B 179 35.66 7.72 -15.15
CA LYS B 179 36.20 6.89 -14.07
C LYS B 179 36.50 7.77 -12.87
N VAL B 180 36.26 7.19 -11.71
CA VAL B 180 36.48 7.84 -10.42
C VAL B 180 37.35 6.96 -9.53
N TYR B 181 38.48 7.50 -9.12
CA TYR B 181 39.35 6.81 -8.17
C TYR B 181 39.01 7.37 -6.81
N LEU B 182 38.63 6.54 -5.86
CA LEU B 182 38.31 7.03 -4.52
C LEU B 182 39.46 6.56 -3.64
N ILE B 183 40.26 7.53 -3.24
CA ILE B 183 41.52 7.30 -2.51
C ILE B 183 41.39 7.59 -1.03
N HIS B 184 41.73 6.65 -0.14
CA HIS B 184 41.65 6.89 1.30
C HIS B 184 42.74 6.11 1.99
N ARG B 185 43.28 6.72 3.02
CA ARG B 185 44.44 6.17 3.72
C ARG B 185 44.21 5.03 4.67
N ARG B 186 42.96 4.72 4.98
CA ARG B 186 42.67 3.62 5.90
C ARG B 186 42.24 2.39 5.14
N ASP B 187 42.10 1.30 5.89
CA ASP B 187 41.73 0.03 5.28
C ASP B 187 40.25 -0.03 4.92
N THR B 188 39.46 0.85 5.54
CA THR B 188 38.03 0.91 5.28
C THR B 188 37.67 2.37 5.29
N PHE B 189 36.46 2.65 4.83
CA PHE B 189 35.96 4.02 4.84
C PHE B 189 35.22 4.23 6.16
N LYS B 190 35.19 5.46 6.65
CA LYS B 190 34.47 5.77 7.89
C LYS B 190 33.05 6.27 7.57
N ALA B 191 32.73 6.39 6.29
CA ALA B 191 31.41 6.84 5.82
C ALA B 191 30.33 5.86 6.25
N GLN B 192 29.08 6.31 6.21
CA GLN B 192 27.96 5.43 6.54
C GLN B 192 28.05 4.26 5.59
N PRO B 193 27.92 3.03 6.10
CA PRO B 193 28.00 1.82 5.28
C PRO B 193 27.09 1.86 4.06
N ILE B 194 25.93 2.48 4.21
CA ILE B 194 25.03 2.56 3.09
C ILE B 194 25.67 3.30 1.89
N TYR B 195 26.42 4.37 2.17
CA TYR B 195 27.09 5.10 1.09
C TYR B 195 28.17 4.23 0.44
N VAL B 196 28.91 3.49 1.26
CA VAL B 196 29.96 2.64 0.72
C VAL B 196 29.40 1.53 -0.20
N GLU B 197 28.36 0.87 0.29
CA GLU B 197 27.70 -0.20 -0.46
C GLU B 197 27.10 0.25 -1.79
N THR B 198 26.51 1.43 -1.76
CA THR B 198 25.88 2.00 -2.95
C THR B 198 26.93 2.36 -4.00
N VAL B 199 28.00 3.01 -3.56
CA VAL B 199 29.04 3.40 -4.50
C VAL B 199 29.83 2.23 -5.08
N LYS B 200 30.03 1.19 -4.28
CA LYS B 200 30.79 0.01 -4.71
C LYS B 200 30.31 -0.64 -6.01
N LYS B 201 29.00 -0.59 -6.24
CA LYS B 201 28.41 -1.19 -7.43
C LYS B 201 28.69 -0.45 -8.75
N LYS B 202 29.09 0.81 -8.67
CA LYS B 202 29.38 1.57 -9.88
C LYS B 202 30.52 0.92 -10.64
N PRO B 203 30.31 0.58 -11.92
CA PRO B 203 31.45 -0.04 -12.60
C PRO B 203 32.57 0.95 -12.83
N ASN B 204 32.26 2.24 -12.70
CA ASN B 204 33.29 3.23 -12.96
C ASN B 204 33.95 3.88 -11.75
N VAL B 205 33.72 3.30 -10.58
CA VAL B 205 34.38 3.82 -9.38
C VAL B 205 35.32 2.74 -8.94
N GLU B 206 36.54 3.16 -8.65
CA GLU B 206 37.56 2.22 -8.20
C GLU B 206 38.03 2.67 -6.81
N PHE B 207 37.88 1.81 -5.81
CA PHE B 207 38.34 2.11 -4.46
C PHE B 207 39.86 1.94 -4.46
N VAL B 208 40.54 2.89 -3.84
CA VAL B 208 41.99 2.86 -3.73
C VAL B 208 42.23 3.11 -2.24
N LEU B 209 41.95 2.07 -1.43
CA LEU B 209 42.13 2.14 0.01
C LEU B 209 43.60 1.94 0.43
N ASN B 210 43.86 2.19 1.71
CA ASN B 210 45.23 2.08 2.26
C ASN B 210 46.17 2.88 1.41
N SER B 211 45.75 4.04 0.91
CA SER B 211 46.57 4.82 0.02
C SER B 211 46.58 6.30 0.31
N VAL B 212 47.68 6.97 -0.03
CA VAL B 212 47.82 8.39 0.13
C VAL B 212 48.30 9.03 -1.17
N VAL B 213 47.87 10.25 -1.42
CA VAL B 213 48.38 10.92 -2.63
C VAL B 213 49.67 11.65 -2.24
N LYS B 214 50.75 11.34 -2.95
CA LYS B 214 52.06 11.94 -2.69
C LYS B 214 52.26 13.24 -3.43
N GLU B 215 51.58 13.37 -4.57
CA GLU B 215 51.73 14.56 -5.37
C GLU B 215 50.61 14.70 -6.37
N ILE B 216 50.26 15.94 -6.65
CA ILE B 216 49.27 16.26 -7.68
C ILE B 216 50.13 17.00 -8.71
N LYS B 217 50.16 16.46 -9.93
CA LYS B 217 50.99 16.96 -11.03
C LYS B 217 50.20 17.45 -12.24
N GLY B 218 50.79 18.34 -13.02
CA GLY B 218 50.12 18.81 -14.20
C GLY B 218 50.99 19.77 -14.95
N ASP B 219 50.43 20.35 -16.00
CA ASP B 219 51.14 21.34 -16.78
C ASP B 219 50.33 22.62 -16.55
N LYS B 220 49.47 22.97 -17.49
CA LYS B 220 48.65 24.16 -17.28
C LYS B 220 47.51 23.79 -16.34
N VAL B 221 47.13 22.51 -16.34
CA VAL B 221 46.07 22.01 -15.47
C VAL B 221 46.48 20.64 -14.96
N VAL B 222 45.75 20.15 -13.94
CA VAL B 222 46.00 18.85 -13.35
C VAL B 222 46.02 17.76 -14.43
N LYS B 223 46.99 16.86 -14.32
CA LYS B 223 47.12 15.71 -15.22
C LYS B 223 47.30 14.37 -14.53
N GLN B 224 47.87 14.39 -13.33
CA GLN B 224 48.13 13.15 -12.63
C GLN B 224 48.16 13.26 -11.12
N VAL B 225 47.94 12.12 -10.48
CA VAL B 225 48.14 12.03 -9.04
C VAL B 225 49.10 10.87 -8.82
N VAL B 226 50.08 11.06 -7.94
CA VAL B 226 51.03 10.00 -7.63
C VAL B 226 50.48 9.47 -6.31
N VAL B 227 50.25 8.17 -6.28
CA VAL B 227 49.67 7.48 -5.12
C VAL B 227 50.58 6.42 -4.54
N GLU B 228 50.62 6.35 -3.21
CA GLU B 228 51.41 5.35 -2.55
C GLU B 228 50.47 4.43 -1.81
N ASN B 229 50.65 3.14 -1.98
CA ASN B 229 49.87 2.17 -1.28
C ASN B 229 50.65 1.97 0.02
N LEU B 230 49.99 2.22 1.15
CA LEU B 230 50.66 2.13 2.45
C LEU B 230 50.91 0.71 2.96
N LYS B 231 50.32 -0.30 2.33
CA LYS B 231 50.60 -1.68 2.76
C LYS B 231 51.70 -2.28 1.90
N THR B 232 51.44 -2.36 0.61
CA THR B 232 52.39 -2.93 -0.33
C THR B 232 53.56 -2.01 -0.60
N GLY B 233 53.42 -0.72 -0.29
CA GLY B 233 54.48 0.25 -0.53
C GLY B 233 54.56 0.77 -1.96
N GLU B 234 53.81 0.15 -2.86
CA GLU B 234 53.82 0.53 -4.28
C GLU B 234 53.44 1.99 -4.57
N ILE B 235 54.21 2.62 -5.43
CA ILE B 235 53.95 3.99 -5.86
C ILE B 235 53.49 3.94 -7.31
N LYS B 236 52.32 4.51 -7.61
CA LYS B 236 51.86 4.51 -8.98
C LYS B 236 51.26 5.84 -9.38
N GLU B 237 51.33 6.14 -10.66
CA GLU B 237 50.79 7.37 -11.18
C GLU B 237 49.46 7.09 -11.87
N LEU B 238 48.47 7.90 -11.55
CA LEU B 238 47.16 7.77 -12.15
C LEU B 238 46.87 9.03 -12.91
N ASN B 239 46.50 8.88 -14.17
CA ASN B 239 46.16 10.03 -14.98
C ASN B 239 44.74 10.46 -14.61
N VAL B 240 44.60 11.73 -14.25
CA VAL B 240 43.30 12.29 -13.88
C VAL B 240 43.21 13.73 -14.38
N ASN B 241 41.98 14.16 -14.65
CA ASN B 241 41.72 15.53 -15.09
C ASN B 241 41.30 16.36 -13.87
N GLY B 242 40.87 15.71 -12.81
CA GLY B 242 40.46 16.50 -11.64
C GLY B 242 40.68 15.73 -10.36
N VAL B 243 40.93 16.49 -9.29
CA VAL B 243 41.13 15.93 -7.96
C VAL B 243 40.20 16.65 -7.01
N PHE B 244 39.35 15.88 -6.34
CA PHE B 244 38.35 16.38 -5.42
C PHE B 244 38.76 15.99 -4.04
N ILE B 245 39.09 17.01 -3.23
CA ILE B 245 39.57 16.75 -1.88
C ILE B 245 38.39 16.92 -0.95
N GLU B 246 37.97 15.80 -0.35
CA GLU B 246 36.78 15.72 0.49
C GLU B 246 37.13 15.13 1.84
N ILE B 247 37.84 15.91 2.64
CA ILE B 247 38.27 15.39 3.93
C ILE B 247 37.60 16.01 5.15
N GLY B 248 36.56 16.80 4.91
CA GLY B 248 35.85 17.36 6.04
C GLY B 248 36.22 18.75 6.46
N PHE B 249 35.53 19.17 7.52
CA PHE B 249 35.64 20.50 8.11
C PHE B 249 35.72 20.44 9.63
N ASP B 250 36.16 21.53 10.21
CA ASP B 250 36.23 21.65 11.66
C ASP B 250 35.19 22.67 12.10
N PRO B 251 34.21 22.27 12.96
CA PRO B 251 33.17 23.18 13.46
C PRO B 251 33.84 24.05 14.53
N PRO B 252 33.24 25.21 14.87
CA PRO B 252 33.81 26.13 15.86
C PRO B 252 33.42 25.72 17.25
N THR B 253 33.78 24.50 17.62
CA THR B 253 33.43 23.99 18.93
C THR B 253 34.10 24.83 20.02
N ASP B 254 35.33 25.26 19.78
CA ASP B 254 36.04 26.03 20.80
C ASP B 254 35.36 27.38 21.05
N PHE B 255 34.97 28.05 19.96
CA PHE B 255 34.30 29.33 20.06
C PHE B 255 32.96 29.15 20.80
N ALA B 256 32.26 28.06 20.49
CA ALA B 256 30.99 27.83 21.15
C ALA B 256 31.20 27.63 22.64
N LYS B 257 32.17 26.78 22.96
CA LYS B 257 32.44 26.50 24.38
C LYS B 257 32.91 27.74 25.12
N SER B 258 33.75 28.51 24.47
CA SER B 258 34.26 29.75 25.07
C SER B 258 33.13 30.70 25.42
N ASN B 259 32.08 30.71 24.60
CA ASN B 259 30.99 31.63 24.81
C ASN B 259 29.72 31.03 25.40
N GLY B 260 29.84 29.86 25.99
CA GLY B 260 28.71 29.24 26.68
C GLY B 260 27.54 28.78 25.83
N ILE B 261 27.84 28.39 24.60
CA ILE B 261 26.82 27.95 23.65
C ILE B 261 26.90 26.45 23.46
N GLU B 262 25.81 25.73 23.64
CA GLU B 262 25.85 24.29 23.48
C GLU B 262 26.14 23.82 22.06
N THR B 263 26.85 22.70 21.97
CA THR B 263 27.15 22.07 20.69
C THR B 263 26.49 20.68 20.60
N ASP B 264 26.33 20.21 19.38
CA ASP B 264 25.72 18.91 19.18
C ASP B 264 26.78 17.84 19.37
N THR B 265 26.43 16.60 19.11
CA THR B 265 27.40 15.55 19.34
C THR B 265 28.57 15.58 18.34
N ASN B 266 28.49 16.43 17.32
CA ASN B 266 29.55 16.53 16.32
C ASN B 266 30.34 17.81 16.49
N GLY B 267 30.04 18.59 17.52
CA GLY B 267 30.77 19.81 17.76
C GLY B 267 30.23 21.06 17.09
N TYR B 268 29.08 20.95 16.44
CA TYR B 268 28.47 22.10 15.78
C TYR B 268 27.55 22.85 16.73
N ILE B 269 27.31 24.12 16.47
CA ILE B 269 26.43 24.90 17.33
C ILE B 269 25.03 24.33 17.24
N LYS B 270 24.47 23.90 18.37
CA LYS B 270 23.17 23.29 18.37
C LYS B 270 22.08 24.29 18.22
N VAL B 271 21.27 24.09 17.19
CA VAL B 271 20.17 24.99 16.99
C VAL B 271 18.89 24.20 16.86
N ASP B 272 17.80 24.88 17.17
CA ASP B 272 16.51 24.25 16.94
C ASP B 272 16.08 24.67 15.55
N GLU B 273 14.86 24.31 15.20
CA GLU B 273 14.39 24.63 13.87
C GLU B 273 14.48 26.11 13.46
N TRP B 274 14.30 26.98 14.43
CA TRP B 274 14.26 28.40 14.21
C TRP B 274 15.61 29.08 14.43
N MET B 275 16.67 28.30 14.42
CA MET B 275 18.03 28.79 14.55
C MET B 275 18.39 29.34 15.91
N ARG B 276 17.65 28.93 16.92
CA ARG B 276 17.93 29.36 18.30
C ARG B 276 18.97 28.45 18.90
N THR B 277 19.97 29.08 19.52
CA THR B 277 20.99 28.31 20.22
C THR B 277 20.49 28.11 21.66
N SER B 278 21.32 27.49 22.45
CA SER B 278 20.98 27.24 23.85
C SER B 278 20.95 28.50 24.69
N VAL B 279 21.52 29.60 24.20
CA VAL B 279 21.52 30.86 24.93
C VAL B 279 20.42 31.78 24.39
N PRO B 280 19.42 32.15 25.22
CA PRO B 280 18.36 33.03 24.72
C PRO B 280 18.95 34.30 24.11
N GLY B 281 18.43 34.69 22.94
CA GLY B 281 18.91 35.91 22.30
C GLY B 281 20.10 35.70 21.38
N VAL B 282 20.65 34.48 21.40
CA VAL B 282 21.76 34.14 20.49
C VAL B 282 21.23 33.11 19.49
N PHE B 283 21.40 33.45 18.20
CA PHE B 283 20.93 32.61 17.11
C PHE B 283 22.12 32.27 16.27
N ALA B 284 21.97 31.30 15.40
CA ALA B 284 23.08 30.92 14.53
C ALA B 284 22.59 30.44 13.19
N ALA B 285 23.41 30.58 12.17
CA ALA B 285 23.01 30.20 10.80
C ALA B 285 24.20 29.75 10.01
N GLY B 286 23.94 28.88 9.04
CA GLY B 286 24.97 28.40 8.14
C GLY B 286 25.70 27.15 8.61
N ASP B 287 26.87 26.97 8.04
CA ASP B 287 27.66 25.77 8.25
C ASP B 287 28.11 25.56 9.66
N CYS B 288 28.10 26.62 10.47
CA CYS B 288 28.50 26.41 11.87
C CYS B 288 27.44 25.68 12.71
N THR B 289 26.24 25.54 12.16
CA THR B 289 25.12 24.97 12.95
C THR B 289 24.90 23.49 12.72
N SER B 290 24.10 22.93 13.63
CA SER B 290 23.73 21.54 13.56
C SER B 290 22.63 21.23 12.53
N ALA B 291 22.05 22.25 11.93
CA ALA B 291 20.94 22.07 10.97
C ALA B 291 21.43 21.67 9.59
N TRP B 292 20.84 20.61 9.06
CA TRP B 292 21.24 20.03 7.77
C TRP B 292 22.72 19.72 7.77
N LEU B 293 23.16 19.11 8.86
CA LEU B 293 24.57 18.78 8.98
C LEU B 293 25.01 17.91 7.83
N GLY B 294 26.12 18.31 7.20
CA GLY B 294 26.64 17.56 6.10
C GLY B 294 26.35 18.22 4.77
N PHE B 295 25.22 18.92 4.67
CA PHE B 295 24.81 19.63 3.45
C PHE B 295 25.27 21.07 3.67
N ARG B 296 26.24 21.46 2.90
CA ARG B 296 26.85 22.78 3.07
C ARG B 296 26.78 23.45 1.75
N GLN B 297 25.83 24.34 1.63
CA GLN B 297 25.58 25.05 0.37
C GLN B 297 25.30 26.50 0.61
N VAL B 298 25.58 27.34 -0.40
CA VAL B 298 25.28 28.76 -0.27
C VAL B 298 23.80 28.99 -0.04
N ILE B 299 22.96 28.33 -0.82
CA ILE B 299 21.55 28.56 -0.70
C ILE B 299 21.00 28.27 0.70
N THR B 300 21.47 27.18 1.30
CA THR B 300 20.98 26.85 2.61
C THR B 300 21.54 27.78 3.69
N ALA B 301 22.77 28.25 3.55
CA ALA B 301 23.32 29.17 4.51
C ALA B 301 22.56 30.52 4.44
N VAL B 302 22.28 31.00 3.21
CA VAL B 302 21.59 32.25 3.07
C VAL B 302 20.17 32.14 3.66
N ALA B 303 19.50 31.01 3.41
CA ALA B 303 18.17 30.80 3.96
C ALA B 303 18.19 30.70 5.49
N GLN B 304 19.15 29.96 6.03
CA GLN B 304 19.21 29.90 7.50
C GLN B 304 19.50 31.30 8.06
N GLY B 305 20.27 32.12 7.35
CA GLY B 305 20.48 33.51 7.80
C GLY B 305 19.17 34.25 7.91
N ALA B 306 18.29 34.12 6.91
CA ALA B 306 16.98 34.75 6.94
C ALA B 306 16.18 34.27 8.15
N VAL B 307 16.21 32.98 8.43
CA VAL B 307 15.48 32.42 9.58
C VAL B 307 16.06 32.96 10.90
N ALA B 308 17.37 32.95 11.03
CA ALA B 308 17.98 33.50 12.24
C ALA B 308 17.64 34.97 12.42
N ALA B 309 17.64 35.75 11.35
CA ALA B 309 17.27 37.15 11.46
C ALA B 309 15.83 37.29 11.88
N THR B 310 14.95 36.42 11.43
CA THR B 310 13.54 36.53 11.81
C THR B 310 13.37 36.13 13.27
N SER B 311 14.14 35.15 13.71
CA SER B 311 14.05 34.78 15.13
C SER B 311 14.61 35.91 15.98
N ALA B 312 15.67 36.57 15.54
CA ALA B 312 16.24 37.69 16.30
C ALA B 312 15.24 38.82 16.33
N TYR B 313 14.56 39.08 15.23
CA TYR B 313 13.57 40.13 15.13
C TYR B 313 12.46 39.87 16.12
N ARG B 314 11.95 38.65 16.16
CA ARG B 314 10.88 38.29 17.10
C ARG B 314 11.35 38.40 18.54
N TYR B 315 12.55 37.94 18.80
CA TYR B 315 13.09 38.03 20.13
C TYR B 315 13.19 39.48 20.61
N VAL B 316 13.78 40.35 19.79
CA VAL B 316 14.00 41.76 20.14
C VAL B 316 12.68 42.48 20.30
N THR B 317 11.78 42.32 19.35
CA THR B 317 10.50 43.02 19.40
C THR B 317 9.70 42.57 20.61
N GLU B 318 9.82 41.31 21.00
CA GLU B 318 9.12 40.84 22.19
C GLU B 318 9.77 41.43 23.42
N LYS B 319 11.10 41.48 23.42
CA LYS B 319 11.84 42.02 24.55
C LYS B 319 11.49 43.50 24.71
N VAL C 10 -13.08 -28.14 28.08
CA VAL C 10 -13.36 -29.56 27.95
C VAL C 10 -12.57 -30.37 28.98
N LYS C 11 -13.20 -31.41 29.52
CA LYS C 11 -12.56 -32.24 30.53
C LYS C 11 -12.19 -33.61 30.04
N PRO C 12 -11.08 -34.16 30.54
CA PRO C 12 -10.73 -35.50 30.11
C PRO C 12 -11.89 -36.43 30.46
N GLY C 13 -12.20 -37.35 29.57
CA GLY C 13 -13.28 -38.27 29.80
C GLY C 13 -14.64 -37.76 29.37
N GLU C 14 -14.73 -36.50 28.99
CA GLU C 14 -16.01 -35.92 28.59
C GLU C 14 -16.53 -36.61 27.34
N LYS C 15 -17.84 -36.75 27.27
CA LYS C 15 -18.45 -37.40 26.13
C LYS C 15 -19.09 -36.38 25.19
N PHE C 16 -18.91 -36.69 23.92
CA PHE C 16 -19.44 -35.86 22.82
C PHE C 16 -20.26 -36.72 21.89
N ASP C 17 -21.19 -36.09 21.21
CA ASP C 17 -21.95 -36.80 20.19
C ASP C 17 -21.02 -37.12 19.00
N VAL C 18 -20.10 -36.18 18.66
CA VAL C 18 -19.15 -36.39 17.58
C VAL C 18 -17.82 -35.75 17.96
N ILE C 19 -16.77 -36.52 17.68
CA ILE C 19 -15.43 -35.98 17.80
C ILE C 19 -14.89 -35.96 16.36
N ILE C 20 -14.42 -34.78 15.94
CA ILE C 20 -13.81 -34.56 14.63
C ILE C 20 -12.32 -34.52 14.83
N VAL C 21 -11.61 -35.31 14.03
CA VAL C 21 -10.15 -35.37 14.11
C VAL C 21 -9.57 -34.64 12.91
N GLY C 22 -8.78 -33.62 13.19
CA GLY C 22 -8.20 -32.76 12.17
C GLY C 22 -8.70 -31.34 12.36
N LEU C 23 -8.01 -30.41 11.69
CA LEU C 23 -8.34 -29.01 11.76
C LEU C 23 -8.07 -28.32 10.44
N GLY C 24 -8.24 -29.05 9.36
CA GLY C 24 -8.13 -28.43 8.04
C GLY C 24 -9.54 -28.15 7.53
N PRO C 25 -9.65 -27.79 6.27
CA PRO C 25 -10.96 -27.52 5.64
C PRO C 25 -12.03 -28.58 5.90
N ALA C 26 -11.69 -29.86 5.77
CA ALA C 26 -12.71 -30.88 6.00
C ALA C 26 -13.27 -30.86 7.41
N ALA C 27 -12.38 -30.72 8.39
CA ALA C 27 -12.78 -30.67 9.81
C ALA C 27 -13.59 -29.41 10.08
N TYR C 28 -13.16 -28.24 9.54
CA TYR C 28 -13.98 -27.06 9.75
C TYR C 28 -15.35 -27.24 9.15
N GLY C 29 -15.41 -27.79 7.94
CA GLY C 29 -16.70 -28.00 7.27
C GLY C 29 -17.59 -28.95 8.04
N ALA C 30 -16.98 -29.98 8.60
CA ALA C 30 -17.76 -30.92 9.42
C ALA C 30 -18.17 -30.31 10.73
N ALA C 31 -17.31 -29.51 11.36
CA ALA C 31 -17.66 -28.91 12.65
C ALA C 31 -18.80 -27.93 12.51
N LEU C 32 -18.81 -27.18 11.43
CA LEU C 32 -19.88 -26.21 11.20
C LEU C 32 -21.22 -26.90 11.15
N TYR C 33 -21.31 -27.94 10.32
CA TYR C 33 -22.58 -28.66 10.24
C TYR C 33 -22.89 -29.43 11.49
N SER C 34 -21.91 -30.07 12.10
CA SER C 34 -22.18 -30.82 13.34
C SER C 34 -22.76 -29.93 14.43
N ALA C 35 -22.13 -28.79 14.64
CA ALA C 35 -22.62 -27.86 15.67
C ALA C 35 -24.02 -27.38 15.34
N ARG C 36 -24.26 -27.08 14.08
CA ARG C 36 -25.57 -26.57 13.69
C ARG C 36 -26.66 -27.64 13.77
N TYR C 37 -26.29 -28.92 13.70
CA TYR C 37 -27.25 -30.01 13.93
C TYR C 37 -27.47 -30.19 15.46
N MET C 38 -26.82 -29.36 16.28
CA MET C 38 -26.91 -29.45 17.74
C MET C 38 -26.28 -30.69 18.28
N LEU C 39 -25.29 -31.20 17.58
CA LEU C 39 -24.52 -32.33 18.10
C LEU C 39 -23.46 -31.71 18.99
N LYS C 40 -23.25 -32.27 20.19
CA LYS C 40 -22.19 -31.79 21.09
C LYS C 40 -20.91 -32.30 20.42
N THR C 41 -20.15 -31.33 19.93
CA THR C 41 -18.99 -31.58 19.08
C THR C 41 -17.70 -31.13 19.70
N LEU C 42 -16.67 -31.94 19.47
CA LEU C 42 -15.31 -31.60 19.86
C LEU C 42 -14.43 -31.78 18.63
N VAL C 43 -13.50 -30.86 18.42
CA VAL C 43 -12.53 -30.97 17.32
C VAL C 43 -11.17 -31.16 17.96
N ILE C 44 -10.42 -32.16 17.55
CA ILE C 44 -9.06 -32.36 18.04
C ILE C 44 -8.20 -32.39 16.77
N GLY C 45 -7.33 -31.40 16.58
CA GLY C 45 -6.51 -31.39 15.38
C GLY C 45 -5.14 -30.83 15.70
N GLU C 46 -4.14 -31.22 14.94
CA GLU C 46 -2.80 -30.77 15.24
C GLU C 46 -2.44 -29.41 14.69
N THR C 47 -2.71 -29.21 13.41
CA THR C 47 -2.34 -27.97 12.72
C THR C 47 -3.54 -27.23 12.23
N PRO C 48 -3.84 -26.03 12.79
CA PRO C 48 -5.00 -25.25 12.36
C PRO C 48 -4.88 -24.87 10.90
N GLY C 49 -5.87 -25.22 10.09
CA GLY C 49 -5.83 -24.91 8.68
C GLY C 49 -5.27 -26.01 7.81
N GLY C 50 -4.63 -27.00 8.45
CA GLY C 50 -4.08 -28.09 7.67
C GLY C 50 -3.13 -27.59 6.59
N GLN C 51 -3.24 -28.14 5.40
CA GLN C 51 -2.40 -27.80 4.23
C GLN C 51 -2.46 -26.30 3.86
N LEU C 52 -3.50 -25.61 4.32
CA LEU C 52 -3.63 -24.18 4.02
C LEU C 52 -2.47 -23.40 4.65
N THR C 53 -1.85 -23.96 5.67
CA THR C 53 -0.72 -23.25 6.27
C THR C 53 0.43 -23.10 5.28
N GLU C 54 0.43 -23.85 4.18
CA GLU C 54 1.51 -23.73 3.19
C GLU C 54 1.09 -23.01 1.94
N ALA C 55 -0.16 -22.58 1.88
CA ALA C 55 -0.68 -21.92 0.70
C ALA C 55 -0.52 -20.41 0.73
N GLY C 56 -0.62 -19.79 -0.44
CA GLY C 56 -0.56 -18.34 -0.52
C GLY C 56 -1.98 -17.85 -0.77
N ILE C 57 -2.22 -17.27 -1.90
CA ILE C 57 -3.54 -16.75 -2.19
C ILE C 57 -4.43 -17.92 -2.62
N VAL C 58 -5.67 -17.93 -2.15
CA VAL C 58 -6.66 -18.93 -2.57
C VAL C 58 -7.73 -18.19 -3.33
N ASP C 59 -7.94 -18.59 -4.58
CA ASP C 59 -8.92 -17.92 -5.41
C ASP C 59 -9.86 -18.90 -6.09
N ASP C 60 -9.93 -20.13 -5.54
CA ASP C 60 -10.84 -21.10 -6.11
C ASP C 60 -11.90 -21.62 -5.15
N TYR C 61 -12.13 -20.85 -4.09
CA TYR C 61 -13.19 -21.17 -3.13
C TYR C 61 -14.22 -20.08 -3.38
N LEU C 62 -15.30 -20.47 -4.05
CA LEU C 62 -16.27 -19.50 -4.51
C LEU C 62 -16.76 -18.58 -3.45
N GLY C 63 -16.65 -17.27 -3.71
CA GLY C 63 -17.14 -16.29 -2.74
C GLY C 63 -16.11 -15.67 -1.84
N LEU C 64 -14.95 -16.29 -1.72
CA LEU C 64 -13.84 -15.68 -0.95
C LEU C 64 -12.83 -15.33 -2.03
N ILE C 65 -12.91 -14.10 -2.51
CA ILE C 65 -12.09 -13.71 -3.63
C ILE C 65 -10.67 -13.33 -3.29
N GLU C 66 -9.72 -14.02 -3.90
CA GLU C 66 -8.30 -13.72 -3.71
C GLU C 66 -7.94 -13.53 -2.24
N ILE C 67 -8.34 -14.50 -1.44
CA ILE C 67 -8.08 -14.44 -0.03
C ILE C 67 -6.77 -15.10 0.36
N GLN C 68 -6.02 -14.45 1.23
CA GLN C 68 -4.80 -15.07 1.70
C GLN C 68 -5.20 -16.36 2.45
N ALA C 69 -4.47 -17.45 2.26
CA ALA C 69 -4.79 -18.66 2.96
C ALA C 69 -4.83 -18.46 4.48
N SER C 70 -3.98 -17.58 5.02
CA SER C 70 -3.96 -17.38 6.46
C SER C 70 -5.26 -16.73 6.91
N ASP C 71 -5.82 -15.86 6.09
CA ASP C 71 -7.09 -15.25 6.38
C ASP C 71 -8.23 -16.25 6.19
N MET C 72 -8.10 -17.19 5.26
CA MET C 72 -9.13 -18.21 5.08
C MET C 72 -9.16 -19.06 6.36
N ILE C 73 -8.00 -19.44 6.87
CA ILE C 73 -7.97 -20.21 8.11
C ILE C 73 -8.65 -19.43 9.22
N LYS C 74 -8.36 -18.14 9.30
CA LYS C 74 -8.92 -17.33 10.41
C LYS C 74 -10.45 -17.24 10.33
N VAL C 75 -10.98 -17.06 9.12
CA VAL C 75 -12.43 -16.93 9.00
C VAL C 75 -13.11 -18.31 9.14
N PHE C 76 -12.46 -19.39 8.69
CA PHE C 76 -13.02 -20.71 8.91
C PHE C 76 -13.12 -20.97 10.41
N ASN C 77 -12.07 -20.63 11.14
CA ASN C 77 -12.10 -20.82 12.59
C ASN C 77 -13.16 -19.94 13.26
N LYS C 78 -13.31 -18.69 12.82
CA LYS C 78 -14.32 -17.83 13.41
C LYS C 78 -15.69 -18.41 13.18
N HIS C 79 -15.89 -19.04 12.01
CA HIS C 79 -17.21 -19.57 11.72
C HIS C 79 -17.59 -20.71 12.65
N ILE C 80 -16.68 -21.62 12.93
CA ILE C 80 -17.04 -22.67 13.87
C ILE C 80 -17.06 -22.18 15.32
N GLU C 81 -16.23 -21.20 15.64
CA GLU C 81 -16.25 -20.68 17.00
C GLU C 81 -17.48 -19.85 17.31
N LYS C 82 -18.19 -19.40 16.29
CA LYS C 82 -19.46 -18.73 16.47
C LYS C 82 -20.39 -19.72 17.19
N TYR C 83 -20.21 -21.01 16.92
CA TYR C 83 -21.03 -22.07 17.50
C TYR C 83 -20.40 -22.69 18.74
N GLU C 84 -19.36 -22.05 19.24
CA GLU C 84 -18.70 -22.45 20.49
C GLU C 84 -18.15 -23.86 20.46
N VAL C 85 -17.66 -24.28 19.30
CA VAL C 85 -17.10 -25.59 19.20
C VAL C 85 -15.73 -25.63 19.87
N PRO C 86 -15.58 -26.48 20.87
CA PRO C 86 -14.26 -26.56 21.51
C PRO C 86 -13.28 -27.23 20.57
N VAL C 87 -12.09 -26.66 20.53
CA VAL C 87 -11.01 -27.14 19.70
C VAL C 87 -9.80 -27.41 20.56
N LEU C 88 -9.27 -28.62 20.50
CA LEU C 88 -8.05 -28.97 21.20
C LEU C 88 -6.98 -29.17 20.16
N LEU C 89 -5.81 -28.59 20.39
CA LEU C 89 -4.70 -28.72 19.46
C LEU C 89 -3.84 -29.85 19.96
N ASP C 90 -3.99 -31.01 19.34
CA ASP C 90 -3.20 -32.18 19.71
C ASP C 90 -3.34 -33.23 18.63
N ILE C 91 -2.58 -34.31 18.79
CA ILE C 91 -2.61 -35.46 17.88
C ILE C 91 -3.44 -36.56 18.51
N VAL C 92 -4.37 -37.10 17.71
CA VAL C 92 -5.15 -38.26 18.13
C VAL C 92 -4.31 -39.49 17.76
N GLU C 93 -4.11 -40.38 18.73
CA GLU C 93 -3.32 -41.59 18.52
C GLU C 93 -4.18 -42.82 18.24
N LYS C 94 -5.31 -42.94 18.93
CA LYS C 94 -6.10 -44.15 18.79
C LYS C 94 -7.55 -43.86 18.91
N ILE C 95 -8.36 -44.67 18.23
CA ILE C 95 -9.80 -44.61 18.29
C ILE C 95 -10.20 -46.06 18.58
N GLU C 96 -10.67 -46.25 19.79
CA GLU C 96 -11.07 -47.57 20.27
C GLU C 96 -12.57 -47.68 20.41
N ASN C 97 -13.09 -48.84 20.03
CA ASN C 97 -14.50 -49.17 20.09
C ASN C 97 -14.74 -49.89 21.42
N GLU C 101 -19.50 -47.10 22.66
CA GLU C 101 -19.07 -45.75 22.29
C GLU C 101 -17.61 -45.85 21.87
N PHE C 102 -17.10 -44.75 21.34
CA PHE C 102 -15.70 -44.69 20.95
C PHE C 102 -14.92 -43.94 22.00
N VAL C 103 -13.68 -44.35 22.15
CA VAL C 103 -12.78 -43.65 23.02
C VAL C 103 -11.68 -43.12 22.11
N VAL C 104 -11.52 -41.81 22.10
CA VAL C 104 -10.52 -41.13 21.26
C VAL C 104 -9.37 -40.72 22.16
N LYS C 105 -8.20 -41.31 21.91
CA LYS C 105 -7.05 -41.09 22.79
C LYS C 105 -6.05 -40.14 22.17
N THR C 106 -5.66 -39.10 22.89
CA THR C 106 -4.72 -38.09 22.39
C THR C 106 -3.37 -38.29 23.03
N LYS C 107 -2.40 -37.61 22.48
CA LYS C 107 -1.06 -37.69 23.00
C LYS C 107 -0.88 -36.91 24.31
N ARG C 108 -1.52 -35.76 24.44
CA ARG C 108 -1.29 -34.87 25.59
C ARG C 108 -2.48 -34.26 26.27
N LYS C 109 -3.68 -34.68 25.89
CA LYS C 109 -4.88 -34.07 26.46
C LYS C 109 -5.80 -35.02 27.17
N GLY C 110 -5.47 -36.30 27.15
CA GLY C 110 -6.32 -37.28 27.76
C GLY C 110 -7.15 -37.99 26.70
N GLU C 111 -8.18 -38.68 27.13
CA GLU C 111 -9.05 -39.39 26.22
C GLU C 111 -10.45 -38.82 26.35
N PHE C 112 -11.19 -38.91 25.27
CA PHE C 112 -12.56 -38.41 25.21
C PHE C 112 -13.45 -39.46 24.64
N LYS C 113 -14.74 -39.37 24.97
CA LYS C 113 -15.67 -40.38 24.51
C LYS C 113 -16.59 -39.79 23.46
N ALA C 114 -17.04 -40.65 22.54
CA ALA C 114 -17.91 -40.13 21.47
C ALA C 114 -18.83 -41.20 20.94
N ASP C 115 -19.99 -40.73 20.49
CA ASP C 115 -20.94 -41.64 19.86
C ASP C 115 -20.54 -41.86 18.40
N SER C 116 -19.83 -40.88 17.81
CA SER C 116 -19.39 -40.99 16.41
C SER C 116 -18.09 -40.20 16.24
N VAL C 117 -17.34 -40.53 15.19
CA VAL C 117 -16.06 -39.87 14.91
C VAL C 117 -16.03 -39.51 13.45
N ILE C 118 -15.51 -38.31 13.15
CA ILE C 118 -15.32 -37.90 11.76
C ILE C 118 -13.83 -37.67 11.61
N LEU C 119 -13.21 -38.37 10.67
CA LEU C 119 -11.78 -38.20 10.40
C LEU C 119 -11.57 -37.24 9.23
N GLY C 120 -10.93 -36.11 9.51
CA GLY C 120 -10.57 -35.14 8.46
C GLY C 120 -9.06 -35.00 8.56
N ILE C 121 -8.34 -36.10 8.48
CA ILE C 121 -6.89 -36.09 8.75
C ILE C 121 -5.97 -35.80 7.59
N GLY C 122 -6.56 -35.60 6.41
CA GLY C 122 -5.78 -35.19 5.27
C GLY C 122 -4.71 -36.13 4.84
N VAL C 123 -3.74 -35.57 4.12
CA VAL C 123 -2.60 -36.32 3.64
C VAL C 123 -1.37 -35.49 3.84
N LYS C 124 -0.24 -36.14 3.95
CA LYS C 124 0.99 -35.41 4.14
C LYS C 124 1.74 -35.33 2.83
N ARG C 125 2.22 -34.12 2.56
CA ARG C 125 2.97 -33.84 1.36
C ARG C 125 4.29 -34.63 1.40
N ARG C 126 4.67 -35.28 0.32
CA ARG C 126 5.96 -36.02 0.32
C ARG C 126 7.02 -34.94 0.18
N LYS C 127 8.11 -35.05 0.92
CA LYS C 127 9.15 -34.03 0.85
C LYS C 127 10.27 -34.40 -0.12
N LEU C 128 10.61 -33.46 -1.00
CA LEU C 128 11.69 -33.69 -1.95
C LEU C 128 13.02 -33.29 -1.33
N GLY C 129 13.01 -32.22 -0.54
CA GLY C 129 14.22 -31.78 0.13
C GLY C 129 15.32 -31.22 -0.76
N VAL C 130 14.96 -30.31 -1.66
CA VAL C 130 15.98 -29.73 -2.53
C VAL C 130 16.47 -28.44 -1.88
N PRO C 131 17.78 -28.14 -2.00
CA PRO C 131 18.22 -26.90 -1.39
C PRO C 131 17.50 -25.71 -2.02
N GLY C 132 17.01 -24.81 -1.17
CA GLY C 132 16.32 -23.61 -1.62
C GLY C 132 14.83 -23.67 -1.40
N GLU C 133 14.33 -24.87 -1.14
CA GLU C 133 12.91 -25.08 -0.93
C GLU C 133 12.35 -24.24 0.22
N GLN C 134 13.02 -24.26 1.36
CA GLN C 134 12.53 -23.47 2.49
C GLN C 134 12.83 -22.01 2.29
N GLU C 135 14.03 -21.72 1.83
CA GLU C 135 14.45 -20.36 1.60
C GLU C 135 13.48 -19.61 0.71
N PHE C 136 12.95 -20.29 -0.30
CA PHE C 136 12.02 -19.62 -1.21
C PHE C 136 10.56 -19.95 -1.03
N ALA C 137 10.21 -20.41 0.17
CA ALA C 137 8.83 -20.70 0.47
C ALA C 137 8.10 -19.36 0.33
N GLY C 138 6.98 -19.37 -0.36
CA GLY C 138 6.22 -18.15 -0.55
C GLY C 138 6.88 -17.12 -1.45
N ARG C 139 8.01 -17.50 -2.06
CA ARG C 139 8.73 -16.61 -2.95
C ARG C 139 8.98 -17.26 -4.30
N GLY C 140 8.03 -18.05 -4.77
CA GLY C 140 8.22 -18.67 -6.08
C GLY C 140 8.09 -20.17 -6.09
N ILE C 141 7.99 -20.79 -4.92
CA ILE C 141 7.83 -22.22 -4.88
C ILE C 141 6.40 -22.51 -4.54
N SER C 142 5.81 -23.43 -5.28
CA SER C 142 4.43 -23.83 -5.07
C SER C 142 4.32 -25.33 -5.02
N TYR C 143 3.36 -25.77 -4.20
CA TYR C 143 3.10 -27.18 -4.06
C TYR C 143 1.73 -27.46 -4.61
N CYS C 144 1.18 -26.54 -5.39
CA CYS C 144 -0.14 -26.73 -5.96
C CYS C 144 -0.32 -25.97 -7.28
N SER C 145 -0.03 -26.69 -8.34
CA SER C 145 -0.10 -26.15 -9.72
C SER C 145 -1.50 -25.70 -10.11
N VAL C 146 -2.51 -26.52 -9.87
CA VAL C 146 -3.87 -26.15 -10.26
C VAL C 146 -4.34 -24.92 -9.54
N ALA C 147 -3.95 -24.77 -8.29
CA ALA C 147 -4.34 -23.61 -7.57
C ALA C 147 -3.52 -22.36 -7.93
N ASP C 148 -2.21 -22.52 -8.15
CA ASP C 148 -1.36 -21.37 -8.42
C ASP C 148 -1.00 -21.00 -9.87
N ALA C 149 -1.41 -21.85 -10.81
CA ALA C 149 -1.11 -21.61 -12.24
C ALA C 149 -1.52 -20.23 -12.70
N PRO C 150 -2.71 -19.77 -12.28
CA PRO C 150 -3.10 -18.44 -12.73
C PRO C 150 -2.17 -17.33 -12.30
N LEU C 151 -1.35 -17.60 -11.28
CA LEU C 151 -0.41 -16.61 -10.77
C LEU C 151 0.89 -16.57 -11.59
N PHE C 152 1.03 -17.46 -12.57
CA PHE C 152 2.24 -17.50 -13.38
C PHE C 152 2.00 -17.29 -14.87
N LYS C 153 1.01 -16.49 -15.18
CA LYS C 153 0.71 -16.16 -16.56
C LYS C 153 1.93 -15.53 -17.18
N ASN C 154 2.25 -16.03 -18.36
CA ASN C 154 3.38 -15.55 -19.11
C ASN C 154 4.68 -15.50 -18.31
N ARG C 155 4.90 -16.53 -17.50
CA ARG C 155 6.15 -16.68 -16.77
C ARG C 155 6.69 -18.05 -17.15
N VAL C 156 8.00 -18.23 -17.03
CA VAL C 156 8.61 -19.53 -17.30
C VAL C 156 8.64 -20.29 -15.98
N VAL C 157 8.19 -21.54 -15.99
CA VAL C 157 8.15 -22.33 -14.76
C VAL C 157 8.69 -23.73 -14.93
N ALA C 158 8.98 -24.37 -13.80
CA ALA C 158 9.42 -25.75 -13.77
C ALA C 158 8.46 -26.51 -12.88
N VAL C 159 8.15 -27.73 -13.26
CA VAL C 159 7.34 -28.66 -12.47
C VAL C 159 8.28 -29.82 -12.20
N ILE C 160 8.38 -30.21 -10.93
CA ILE C 160 9.21 -31.37 -10.57
C ILE C 160 8.27 -32.49 -10.14
N GLY C 161 8.37 -33.64 -10.81
CA GLY C 161 7.53 -34.80 -10.49
C GLY C 161 7.19 -35.64 -11.71
N GLY C 162 6.57 -36.79 -11.49
CA GLY C 162 6.23 -37.65 -12.62
C GLY C 162 4.91 -38.37 -12.58
N GLY C 163 4.10 -38.10 -11.57
CA GLY C 163 2.79 -38.74 -11.45
C GLY C 163 1.69 -37.88 -12.05
N ASP C 164 0.43 -38.26 -11.80
CA ASP C 164 -0.69 -37.51 -12.31
C ASP C 164 -0.66 -36.05 -11.88
N SER C 165 -0.29 -35.79 -10.63
CA SER C 165 -0.25 -34.40 -10.15
C SER C 165 0.71 -33.54 -10.97
N ALA C 166 1.89 -34.09 -11.26
CA ALA C 166 2.89 -33.36 -12.03
C ALA C 166 2.46 -33.18 -13.47
N LEU C 167 1.91 -34.23 -14.10
CA LEU C 167 1.47 -34.09 -15.49
C LEU C 167 0.28 -33.14 -15.61
N GLU C 168 -0.71 -33.29 -14.76
CA GLU C 168 -1.84 -32.38 -14.80
C GLU C 168 -1.38 -30.95 -14.51
N GLY C 169 -0.41 -30.81 -13.61
CA GLY C 169 0.13 -29.51 -13.28
C GLY C 169 0.78 -28.90 -14.53
N ALA C 170 1.56 -29.71 -15.22
CA ALA C 170 2.21 -29.22 -16.44
C ALA C 170 1.19 -28.87 -17.51
N GLU C 171 0.10 -29.62 -17.58
CA GLU C 171 -0.93 -29.33 -18.56
C GLU C 171 -1.55 -27.95 -18.27
N ILE C 172 -1.98 -27.69 -17.06
CA ILE C 172 -2.59 -26.41 -16.77
C ILE C 172 -1.56 -25.29 -16.84
N LEU C 173 -0.37 -25.52 -16.32
CA LEU C 173 0.63 -24.47 -16.40
C LEU C 173 0.96 -24.17 -17.87
N SER C 174 0.91 -25.17 -18.76
CA SER C 174 1.23 -24.90 -20.17
C SER C 174 0.24 -23.89 -20.70
N SER C 175 -1.00 -23.92 -20.22
CA SER C 175 -2.00 -22.96 -20.68
C SER C 175 -1.72 -21.56 -20.23
N TYR C 176 -1.26 -21.39 -19.01
CA TYR C 176 -0.99 -20.08 -18.46
C TYR C 176 0.40 -19.51 -18.71
N SER C 177 1.39 -20.36 -18.57
CA SER C 177 2.76 -19.94 -18.60
C SER C 177 3.40 -19.87 -19.96
N THR C 178 4.53 -19.16 -19.98
CA THR C 178 5.34 -19.03 -21.21
C THR C 178 5.78 -20.43 -21.64
N LYS C 179 6.38 -21.14 -20.69
CA LYS C 179 6.92 -22.43 -20.96
C LYS C 179 7.04 -23.17 -19.63
N VAL C 180 6.87 -24.48 -19.74
CA VAL C 180 6.98 -25.37 -18.56
C VAL C 180 8.10 -26.38 -18.81
N TYR C 181 9.03 -26.45 -17.87
CA TYR C 181 10.06 -27.50 -17.88
C TYR C 181 9.56 -28.56 -16.90
N LEU C 182 9.23 -29.73 -17.41
CA LEU C 182 8.74 -30.82 -16.54
C LEU C 182 9.96 -31.70 -16.25
N ILE C 183 10.44 -31.59 -15.01
CA ILE C 183 11.65 -32.29 -14.58
C ILE C 183 11.33 -33.55 -13.78
N HIS C 184 11.86 -34.68 -14.20
CA HIS C 184 11.58 -35.94 -13.50
C HIS C 184 12.87 -36.74 -13.53
N ARG C 185 13.17 -37.37 -12.39
CA ARG C 185 14.42 -38.11 -12.25
C ARG C 185 14.48 -39.46 -12.95
N ARG C 186 13.36 -39.89 -13.52
CA ARG C 186 13.30 -41.16 -14.21
C ARG C 186 13.22 -40.99 -15.71
N ASP C 187 13.42 -42.10 -16.40
CA ASP C 187 13.40 -42.18 -17.85
C ASP C 187 11.97 -42.16 -18.40
N THR C 188 11.02 -42.50 -17.53
CA THR C 188 9.62 -42.52 -17.92
C THR C 188 8.74 -41.92 -16.84
N PHE C 189 7.51 -41.59 -17.22
CA PHE C 189 6.58 -41.00 -16.27
C PHE C 189 5.70 -42.10 -15.76
N LYS C 190 5.25 -41.95 -14.52
CA LYS C 190 4.40 -42.93 -13.89
C LYS C 190 2.93 -42.51 -13.98
N ALA C 191 2.67 -41.29 -14.44
CA ALA C 191 1.28 -40.81 -14.57
C ALA C 191 0.53 -41.58 -15.63
N GLN C 192 -0.79 -41.43 -15.65
CA GLN C 192 -1.61 -42.10 -16.65
C GLN C 192 -1.12 -41.72 -18.05
N PRO C 193 -1.04 -42.70 -18.95
CA PRO C 193 -0.57 -42.41 -20.30
C PRO C 193 -1.34 -41.30 -21.06
N ILE C 194 -2.63 -41.15 -20.78
CA ILE C 194 -3.38 -40.11 -21.49
C ILE C 194 -2.91 -38.72 -21.06
N TYR C 195 -2.50 -38.56 -19.81
CA TYR C 195 -2.01 -37.26 -19.36
C TYR C 195 -0.67 -36.96 -20.02
N VAL C 196 0.18 -37.98 -20.13
CA VAL C 196 1.49 -37.81 -20.73
C VAL C 196 1.35 -37.44 -22.20
N GLU C 197 0.45 -38.13 -22.90
CA GLU C 197 0.26 -37.86 -24.31
C GLU C 197 -0.33 -36.47 -24.52
N THR C 198 -1.27 -36.08 -23.66
CA THR C 198 -1.88 -34.76 -23.76
C THR C 198 -0.82 -33.66 -23.60
N VAL C 199 0.04 -33.81 -22.60
CA VAL C 199 1.08 -32.83 -22.33
C VAL C 199 2.18 -32.81 -23.39
N LYS C 200 2.49 -33.98 -23.93
CA LYS C 200 3.54 -34.06 -24.93
C LYS C 200 3.23 -33.23 -26.17
N LYS C 201 1.94 -33.07 -26.46
CA LYS C 201 1.49 -32.31 -27.62
C LYS C 201 1.53 -30.80 -27.44
N LYS C 202 2.01 -30.34 -26.30
CA LYS C 202 2.08 -28.89 -26.07
C LYS C 202 3.44 -28.38 -26.53
N PRO C 203 3.46 -27.38 -27.42
CA PRO C 203 4.71 -26.83 -27.93
C PRO C 203 5.55 -26.10 -26.90
N ASN C 204 4.92 -25.72 -25.79
CA ASN C 204 5.66 -25.01 -24.77
C ASN C 204 5.94 -25.83 -23.51
N VAL C 205 5.97 -27.15 -23.66
CA VAL C 205 6.32 -28.01 -22.52
C VAL C 205 7.55 -28.81 -22.97
N GLU C 206 8.59 -28.71 -22.17
CA GLU C 206 9.83 -29.45 -22.42
C GLU C 206 10.01 -30.48 -21.29
N PHE C 207 10.17 -31.73 -21.71
CA PHE C 207 10.40 -32.82 -20.74
C PHE C 207 11.88 -32.84 -20.46
N VAL C 208 12.23 -32.81 -19.18
CA VAL C 208 13.61 -32.84 -18.76
C VAL C 208 13.67 -34.11 -17.92
N LEU C 209 13.76 -35.24 -18.62
CA LEU C 209 13.79 -36.53 -17.98
C LEU C 209 15.17 -36.98 -17.52
N ASN C 210 15.18 -38.05 -16.73
CA ASN C 210 16.42 -38.59 -16.16
C ASN C 210 17.16 -37.47 -15.46
N SER C 211 16.42 -36.54 -14.89
CA SER C 211 17.02 -35.38 -14.23
C SER C 211 16.54 -35.04 -12.84
N VAL C 212 17.42 -34.36 -12.09
CA VAL C 212 17.11 -33.92 -10.74
C VAL C 212 17.50 -32.45 -10.60
N VAL C 213 16.89 -31.78 -9.63
CA VAL C 213 17.16 -30.38 -9.37
C VAL C 213 18.19 -30.31 -8.25
N LYS C 214 19.36 -29.78 -8.55
CA LYS C 214 20.42 -29.65 -7.58
C LYS C 214 20.14 -28.54 -6.56
N GLU C 215 19.50 -27.47 -7.02
CA GLU C 215 19.21 -26.34 -6.14
C GLU C 215 18.24 -25.34 -6.78
N ILE C 216 17.48 -24.65 -5.94
CA ILE C 216 16.56 -23.64 -6.39
C ILE C 216 17.20 -22.32 -5.92
N LYS C 217 17.51 -21.45 -6.87
CA LYS C 217 18.18 -20.20 -6.57
C LYS C 217 17.33 -19.00 -6.88
N GLY C 218 17.70 -17.87 -6.30
CA GLY C 218 16.98 -16.62 -6.51
C GLY C 218 17.54 -15.53 -5.62
N ASP C 219 16.81 -14.44 -5.52
CA ASP C 219 17.24 -13.33 -4.66
C ASP C 219 16.05 -13.14 -3.72
N LYS C 220 15.17 -12.20 -4.01
CA LYS C 220 13.99 -12.00 -3.17
C LYS C 220 12.95 -13.05 -3.61
N VAL C 221 13.11 -13.53 -4.83
CA VAL C 221 12.21 -14.54 -5.39
C VAL C 221 13.01 -15.55 -6.19
N VAL C 222 12.38 -16.66 -6.55
CA VAL C 222 13.03 -17.70 -7.34
C VAL C 222 13.40 -17.15 -8.71
N LYS C 223 14.62 -17.47 -9.17
CA LYS C 223 15.09 -17.02 -10.47
C LYS C 223 15.67 -18.17 -11.30
N GLN C 224 16.12 -19.24 -10.64
CA GLN C 224 16.71 -20.36 -11.37
C GLN C 224 16.61 -21.70 -10.68
N VAL C 225 16.73 -22.75 -11.49
CA VAL C 225 16.83 -24.10 -10.97
C VAL C 225 18.05 -24.65 -11.67
N VAL C 226 18.86 -25.40 -10.92
CA VAL C 226 20.06 -26.04 -11.44
C VAL C 226 19.68 -27.50 -11.61
N VAL C 227 19.78 -28.00 -12.84
CA VAL C 227 19.40 -29.37 -13.16
C VAL C 227 20.58 -30.25 -13.57
N GLU C 228 20.62 -31.46 -13.01
CA GLU C 228 21.67 -32.44 -13.35
C GLU C 228 21.03 -33.65 -14.02
N ASN C 229 21.56 -34.05 -15.17
CA ASN C 229 21.04 -35.24 -15.86
C ASN C 229 21.80 -36.41 -15.25
N LEU C 230 21.08 -37.35 -14.67
CA LEU C 230 21.72 -38.48 -14.01
C LEU C 230 22.53 -39.39 -14.93
N LYS C 231 22.04 -39.64 -16.15
CA LYS C 231 22.74 -40.50 -17.09
C LYS C 231 23.90 -39.81 -17.83
N THR C 232 23.71 -38.56 -18.21
CA THR C 232 24.74 -37.81 -18.93
C THR C 232 25.69 -37.07 -18.00
N GLY C 233 25.19 -36.67 -16.83
CA GLY C 233 25.99 -35.94 -15.86
C GLY C 233 25.92 -34.45 -16.13
N GLU C 234 25.35 -34.11 -17.29
CA GLU C 234 25.19 -32.74 -17.73
C GLU C 234 24.41 -31.85 -16.75
N ILE C 235 24.98 -30.71 -16.44
CA ILE C 235 24.38 -29.74 -15.53
C ILE C 235 23.96 -28.48 -16.29
N LYS C 236 22.71 -28.05 -16.09
CA LYS C 236 22.22 -26.86 -16.78
C LYS C 236 21.46 -25.98 -15.81
N GLU C 237 21.46 -24.68 -16.07
CA GLU C 237 20.72 -23.77 -15.25
C GLU C 237 19.56 -23.23 -16.07
N LEU C 238 18.35 -23.36 -15.53
CA LEU C 238 17.15 -22.88 -16.21
C LEU C 238 16.64 -21.68 -15.46
N ASN C 239 16.31 -20.64 -16.21
CA ASN C 239 15.80 -19.41 -15.63
C ASN C 239 14.32 -19.58 -15.53
N VAL C 240 13.82 -19.69 -14.29
CA VAL C 240 12.40 -19.89 -14.05
C VAL C 240 11.95 -18.95 -12.95
N ASN C 241 10.67 -18.53 -13.03
CA ASN C 241 10.03 -17.63 -12.06
C ASN C 241 9.24 -18.42 -11.01
N GLY C 242 8.91 -19.66 -11.34
CA GLY C 242 8.18 -20.51 -10.40
C GLY C 242 8.61 -21.95 -10.49
N VAL C 243 8.61 -22.62 -9.33
CA VAL C 243 8.93 -24.03 -9.25
C VAL C 243 7.79 -24.71 -8.53
N PHE C 244 7.19 -25.67 -9.20
CA PHE C 244 6.05 -26.41 -8.69
C PHE C 244 6.51 -27.80 -8.38
N ILE C 245 6.50 -28.16 -7.10
CA ILE C 245 6.94 -29.49 -6.70
C ILE C 245 5.70 -30.35 -6.56
N GLU C 246 5.60 -31.34 -7.43
CA GLU C 246 4.44 -32.22 -7.52
C GLU C 246 4.82 -33.67 -7.47
N ILE C 247 5.30 -34.09 -6.29
CA ILE C 247 5.72 -35.46 -6.12
C ILE C 247 4.77 -36.33 -5.32
N GLY C 248 3.56 -35.86 -5.13
CA GLY C 248 2.63 -36.73 -4.43
C GLY C 248 2.50 -36.44 -2.96
N PHE C 249 1.59 -37.23 -2.40
CA PHE C 249 1.21 -37.15 -1.00
C PHE C 249 1.15 -38.55 -0.41
N ASP C 250 1.25 -38.62 0.91
CA ASP C 250 1.11 -39.88 1.61
C ASP C 250 -0.22 -39.90 2.38
N PRO C 251 -1.09 -40.87 2.08
CA PRO C 251 -2.39 -41.02 2.76
C PRO C 251 -2.11 -41.63 4.16
N PRO C 252 -3.06 -41.50 5.09
CA PRO C 252 -2.85 -42.01 6.44
C PRO C 252 -3.18 -43.47 6.56
N THR C 253 -2.49 -44.27 5.75
CA THR C 253 -2.73 -45.69 5.77
C THR C 253 -2.39 -46.32 7.11
N ASP C 254 -1.29 -45.90 7.71
CA ASP C 254 -0.91 -46.47 9.00
C ASP C 254 -1.93 -46.13 10.08
N PHE C 255 -2.42 -44.90 10.10
CA PHE C 255 -3.42 -44.53 11.10
C PHE C 255 -4.68 -45.35 10.87
N ALA C 256 -5.08 -45.51 9.61
CA ALA C 256 -6.29 -46.29 9.36
C ALA C 256 -6.12 -47.76 9.78
N LYS C 257 -5.01 -48.35 9.39
CA LYS C 257 -4.79 -49.76 9.75
C LYS C 257 -4.70 -49.92 11.27
N SER C 258 -3.98 -49.03 11.93
CA SER C 258 -3.83 -49.05 13.38
C SER C 258 -5.19 -49.00 14.07
N ASN C 259 -6.12 -48.29 13.47
CA ASN C 259 -7.44 -48.14 14.05
C ASN C 259 -8.54 -48.96 13.44
N GLY C 260 -8.15 -50.00 12.70
CA GLY C 260 -9.11 -50.93 12.12
C GLY C 260 -10.08 -50.41 11.07
N ILE C 261 -9.60 -49.47 10.28
CA ILE C 261 -10.42 -48.82 9.25
C ILE C 261 -9.90 -49.22 7.88
N GLU C 262 -10.78 -49.67 6.98
CA GLU C 262 -10.33 -50.11 5.67
C GLU C 262 -9.82 -49.00 4.81
N THR C 263 -8.81 -49.33 4.00
CA THR C 263 -8.23 -48.42 3.07
C THR C 263 -8.37 -49.02 1.66
N ASP C 264 -8.31 -48.15 0.68
CA ASP C 264 -8.49 -48.51 -0.71
C ASP C 264 -7.21 -48.95 -1.38
N THR C 265 -7.21 -49.12 -2.70
CA THR C 265 -6.01 -49.66 -3.32
C THR C 265 -4.82 -48.73 -3.31
N ASN C 266 -5.06 -47.46 -3.01
CA ASN C 266 -4.00 -46.47 -2.98
C ASN C 266 -3.68 -46.07 -1.53
N GLY C 267 -4.30 -46.74 -0.56
CA GLY C 267 -4.01 -46.44 0.83
C GLY C 267 -4.86 -45.38 1.49
N TYR C 268 -5.87 -44.88 0.80
CA TYR C 268 -6.76 -43.86 1.35
C TYR C 268 -7.89 -44.47 2.14
N ILE C 269 -8.49 -43.73 3.05
CA ILE C 269 -9.58 -44.26 3.85
C ILE C 269 -10.78 -44.51 2.95
N LYS C 270 -11.25 -45.75 2.90
CA LYS C 270 -12.36 -46.04 2.04
C LYS C 270 -13.64 -45.51 2.55
N VAL C 271 -14.33 -44.73 1.71
CA VAL C 271 -15.62 -44.24 2.10
C VAL C 271 -16.65 -44.51 1.00
N ASP C 272 -17.90 -44.58 1.44
CA ASP C 272 -18.98 -44.74 0.49
C ASP C 272 -19.45 -43.33 0.13
N GLU C 273 -20.50 -43.26 -0.65
CA GLU C 273 -20.95 -41.95 -1.09
C GLU C 273 -21.20 -40.94 0.04
N TRP C 274 -21.67 -41.47 1.16
CA TRP C 274 -22.05 -40.68 2.32
C TRP C 274 -20.96 -40.53 3.39
N MET C 275 -19.73 -40.75 2.96
CA MET C 275 -18.56 -40.58 3.80
C MET C 275 -18.47 -41.57 4.93
N ARG C 276 -19.12 -42.71 4.79
CA ARG C 276 -19.03 -43.72 5.82
C ARG C 276 -17.82 -44.60 5.57
N THR C 277 -17.06 -44.87 6.61
CA THR C 277 -15.92 -45.80 6.54
C THR C 277 -16.44 -47.21 6.82
N SER C 278 -15.49 -48.15 6.81
CA SER C 278 -15.84 -49.55 7.11
C SER C 278 -16.24 -49.77 8.55
N VAL C 279 -16.00 -48.81 9.44
CA VAL C 279 -16.35 -48.95 10.85
C VAL C 279 -17.62 -48.17 11.12
N PRO C 280 -18.70 -48.83 11.53
CA PRO C 280 -19.95 -48.13 11.82
C PRO C 280 -19.69 -47.01 12.83
N GLY C 281 -20.22 -45.81 12.58
CA GLY C 281 -20.03 -44.70 13.49
C GLY C 281 -18.78 -43.87 13.22
N VAL C 282 -17.93 -44.34 12.31
CA VAL C 282 -16.73 -43.59 11.94
C VAL C 282 -16.92 -43.14 10.50
N PHE C 283 -16.82 -41.83 10.30
CA PHE C 283 -16.97 -41.19 8.98
C PHE C 283 -15.68 -40.48 8.62
N ALA C 284 -15.51 -40.09 7.36
CA ALA C 284 -14.26 -39.42 7.00
C ALA C 284 -14.56 -38.42 5.91
N ALA C 285 -13.73 -37.39 5.81
CA ALA C 285 -13.96 -36.33 4.81
C ALA C 285 -12.64 -35.71 4.44
N GLY C 286 -12.59 -35.22 3.21
CA GLY C 286 -11.41 -34.55 2.73
C GLY C 286 -10.41 -35.42 2.03
N ASP C 287 -9.21 -34.92 1.94
CA ASP C 287 -8.16 -35.58 1.17
C ASP C 287 -7.72 -36.93 1.70
N CYS C 288 -8.07 -37.26 2.93
CA CYS C 288 -7.67 -38.58 3.44
C CYS C 288 -8.57 -39.68 2.87
N THR C 289 -9.66 -39.31 2.21
CA THR C 289 -10.60 -40.31 1.74
C THR C 289 -10.41 -40.75 0.29
N SER C 290 -11.11 -41.83 -0.02
CA SER C 290 -11.11 -42.39 -1.38
C SER C 290 -12.05 -41.67 -2.31
N ALA C 291 -12.84 -40.74 -1.80
CA ALA C 291 -13.82 -40.02 -2.63
C ALA C 291 -13.18 -38.88 -3.39
N TRP C 292 -13.40 -38.81 -4.70
CA TRP C 292 -12.81 -37.81 -5.60
C TRP C 292 -11.32 -37.86 -5.45
N LEU C 293 -10.81 -39.07 -5.38
CA LEU C 293 -9.38 -39.24 -5.19
C LEU C 293 -8.56 -38.55 -6.24
N GLY C 294 -7.58 -37.79 -5.77
CA GLY C 294 -6.69 -37.09 -6.68
C GLY C 294 -7.09 -35.66 -6.87
N PHE C 295 -8.35 -35.35 -6.57
CA PHE C 295 -8.82 -33.97 -6.72
C PHE C 295 -8.76 -33.45 -5.29
N ARG C 296 -7.81 -32.59 -5.03
CA ARG C 296 -7.55 -32.06 -3.66
C ARG C 296 -7.82 -30.58 -3.68
N GLN C 297 -8.99 -30.20 -3.20
CA GLN C 297 -9.41 -28.80 -3.21
C GLN C 297 -10.13 -28.45 -1.93
N VAL C 298 -10.07 -27.18 -1.56
CA VAL C 298 -10.72 -26.72 -0.36
C VAL C 298 -12.24 -26.90 -0.46
N ILE C 299 -12.83 -26.55 -1.61
CA ILE C 299 -14.26 -26.60 -1.71
C ILE C 299 -14.81 -28.01 -1.54
N THR C 300 -14.13 -28.98 -2.12
CA THR C 300 -14.63 -30.36 -2.03
C THR C 300 -14.37 -30.91 -0.61
N ALA C 301 -13.27 -30.55 0.05
CA ALA C 301 -13.06 -31.01 1.42
C ALA C 301 -14.16 -30.45 2.33
N VAL C 302 -14.47 -29.15 2.19
CA VAL C 302 -15.49 -28.55 3.04
C VAL C 302 -16.82 -29.20 2.80
N ALA C 303 -17.15 -29.49 1.55
CA ALA C 303 -18.43 -30.17 1.25
C ALA C 303 -18.43 -31.59 1.78
N GLN C 304 -17.34 -32.34 1.63
CA GLN C 304 -17.32 -33.69 2.19
C GLN C 304 -17.49 -33.61 3.69
N GLY C 305 -16.96 -32.56 4.34
CA GLY C 305 -17.15 -32.42 5.80
C GLY C 305 -18.63 -32.24 6.14
N ALA C 306 -19.35 -31.46 5.35
CA ALA C 306 -20.76 -31.29 5.59
C ALA C 306 -21.48 -32.64 5.46
N VAL C 307 -21.12 -33.43 4.47
CA VAL C 307 -21.78 -34.71 4.26
C VAL C 307 -21.45 -35.67 5.41
N ALA C 308 -20.21 -35.70 5.85
CA ALA C 308 -19.82 -36.57 6.94
C ALA C 308 -20.55 -36.20 8.21
N ALA C 309 -20.69 -34.90 8.45
CA ALA C 309 -21.43 -34.46 9.61
C ALA C 309 -22.87 -34.89 9.53
N THR C 310 -23.46 -34.87 8.35
CA THR C 310 -24.86 -35.26 8.15
C THR C 310 -24.97 -36.76 8.41
N SER C 311 -24.04 -37.54 7.91
CA SER C 311 -24.09 -38.98 8.19
C SER C 311 -23.89 -39.21 9.68
N ALA C 312 -23.01 -38.46 10.34
CA ALA C 312 -22.84 -38.67 11.78
C ALA C 312 -24.11 -38.29 12.51
N TYR C 313 -24.77 -37.22 12.10
CA TYR C 313 -26.00 -36.80 12.74
C TYR C 313 -27.05 -37.89 12.62
N ARG C 314 -27.19 -38.46 11.44
CA ARG C 314 -28.19 -39.50 11.26
C ARG C 314 -27.84 -40.70 12.09
N TYR C 315 -26.56 -41.05 12.15
CA TYR C 315 -26.13 -42.20 12.92
C TYR C 315 -26.38 -41.99 14.40
N VAL C 316 -26.00 -40.84 14.96
CA VAL C 316 -26.19 -40.60 16.40
C VAL C 316 -27.65 -40.52 16.79
N THR C 317 -28.46 -39.86 15.98
CA THR C 317 -29.86 -39.70 16.33
C THR C 317 -30.56 -41.05 16.28
N GLU C 318 -30.16 -41.90 15.36
CA GLU C 318 -30.76 -43.24 15.29
C GLU C 318 -30.27 -44.09 16.46
N LYS C 319 -29.03 -43.93 16.86
CA LYS C 319 -28.48 -44.66 18.00
C LYS C 319 -29.19 -44.20 19.28
N GLY D 13 -23.54 -20.48 -33.75
CA GLY D 13 -23.58 -19.38 -32.81
C GLY D 13 -22.40 -19.54 -31.86
N GLU D 14 -21.21 -19.46 -32.42
CA GLU D 14 -19.92 -19.57 -31.72
C GLU D 14 -19.79 -20.84 -30.91
N LYS D 15 -18.58 -21.37 -30.95
CA LYS D 15 -18.24 -22.60 -30.24
C LYS D 15 -17.41 -22.37 -29.00
N PHE D 16 -17.77 -23.09 -27.95
CA PHE D 16 -17.10 -23.02 -26.65
C PHE D 16 -16.62 -24.38 -26.22
N ASP D 17 -15.63 -24.38 -25.36
CA ASP D 17 -15.16 -25.66 -24.83
C ASP D 17 -16.25 -26.26 -23.93
N VAL D 18 -16.91 -25.41 -23.14
CA VAL D 18 -17.96 -25.87 -22.26
C VAL D 18 -19.03 -24.81 -22.17
N ILE D 19 -20.29 -25.26 -22.21
CA ILE D 19 -21.42 -24.39 -21.94
C ILE D 19 -22.04 -24.92 -20.65
N ILE D 20 -22.19 -24.01 -19.68
CA ILE D 20 -22.79 -24.34 -18.39
C ILE D 20 -24.19 -23.85 -18.42
N VAL D 21 -25.14 -24.71 -18.08
CA VAL D 21 -26.56 -24.36 -18.10
C VAL D 21 -27.02 -24.14 -16.64
N GLY D 22 -27.50 -22.95 -16.35
CA GLY D 22 -27.92 -22.59 -15.00
C GLY D 22 -27.05 -21.47 -14.47
N LEU D 23 -27.54 -20.84 -13.40
CA LEU D 23 -26.83 -19.74 -12.76
C LEU D 23 -27.02 -19.76 -11.25
N GLY D 24 -27.13 -20.97 -10.69
CA GLY D 24 -27.20 -21.07 -9.24
C GLY D 24 -25.81 -21.50 -8.74
N PRO D 25 -25.69 -21.83 -7.45
CA PRO D 25 -24.43 -22.26 -6.84
C PRO D 25 -23.63 -23.27 -7.67
N ALA D 26 -24.29 -24.33 -8.17
CA ALA D 26 -23.58 -25.31 -8.96
C ALA D 26 -22.94 -24.72 -10.22
N ALA D 27 -23.70 -23.91 -10.96
CA ALA D 27 -23.15 -23.29 -12.16
C ALA D 27 -22.04 -22.31 -11.82
N TYR D 28 -22.20 -21.52 -10.75
CA TYR D 28 -21.12 -20.62 -10.38
C TYR D 28 -19.86 -21.39 -10.06
N GLY D 29 -20.02 -22.50 -9.31
CA GLY D 29 -18.85 -23.30 -8.95
C GLY D 29 -18.21 -23.93 -10.17
N ALA D 30 -19.03 -24.38 -11.11
CA ALA D 30 -18.48 -24.92 -12.35
C ALA D 30 -17.82 -23.84 -13.20
N ALA D 31 -18.41 -22.64 -13.23
CA ALA D 31 -17.82 -21.55 -14.04
C ALA D 31 -16.49 -21.10 -13.47
N LEU D 32 -16.35 -21.04 -12.14
CA LEU D 32 -15.08 -20.62 -11.56
C LEU D 32 -14.00 -21.61 -11.96
N TYR D 33 -14.25 -22.92 -11.78
CA TYR D 33 -13.22 -23.90 -12.16
C TYR D 33 -12.99 -23.95 -13.65
N SER D 34 -14.06 -23.87 -14.44
CA SER D 34 -13.88 -23.90 -15.90
C SER D 34 -12.97 -22.78 -16.36
N ALA D 35 -13.23 -21.58 -15.87
CA ALA D 35 -12.39 -20.43 -16.26
C ALA D 35 -10.97 -20.62 -15.77
N ARG D 36 -10.78 -21.12 -14.54
CA ARG D 36 -9.46 -21.34 -14.04
C ARG D 36 -8.72 -22.42 -14.81
N TYR D 37 -9.42 -23.34 -15.45
CA TYR D 37 -8.77 -24.33 -16.30
C TYR D 37 -8.50 -23.75 -17.71
N MET D 38 -8.90 -22.50 -17.91
CA MET D 38 -8.78 -21.78 -19.18
C MET D 38 -9.64 -22.40 -20.27
N LEU D 39 -10.77 -22.98 -19.90
CA LEU D 39 -11.70 -23.50 -20.91
C LEU D 39 -12.47 -22.30 -21.42
N LYS D 40 -12.71 -22.26 -22.73
CA LYS D 40 -13.53 -21.19 -23.29
C LYS D 40 -14.96 -21.59 -22.83
N THR D 41 -15.44 -20.78 -21.91
CA THR D 41 -16.69 -21.04 -21.21
C THR D 41 -17.80 -20.06 -21.47
N LEU D 42 -19.02 -20.56 -21.55
CA LEU D 42 -20.21 -19.72 -21.65
C LEU D 42 -21.23 -20.22 -20.65
N VAL D 43 -21.81 -19.33 -19.86
CA VAL D 43 -22.84 -19.72 -18.92
C VAL D 43 -24.17 -19.17 -19.44
N ILE D 44 -25.20 -20.01 -19.51
CA ILE D 44 -26.53 -19.57 -19.90
C ILE D 44 -27.46 -20.05 -18.79
N GLY D 45 -28.07 -19.14 -18.04
CA GLY D 45 -28.94 -19.48 -16.94
C GLY D 45 -30.04 -18.48 -16.82
N GLU D 46 -31.19 -18.91 -16.35
CA GLU D 46 -32.32 -18.00 -16.32
C GLU D 46 -32.35 -17.07 -15.12
N THR D 47 -32.15 -17.62 -13.94
CA THR D 47 -32.25 -16.86 -12.69
C THR D 47 -30.94 -16.79 -11.94
N PRO D 48 -30.30 -15.61 -11.86
CA PRO D 48 -29.03 -15.54 -11.13
C PRO D 48 -29.20 -15.91 -9.66
N GLY D 49 -28.41 -16.86 -9.19
CA GLY D 49 -28.52 -17.28 -7.82
C GLY D 49 -29.39 -18.50 -7.63
N GLY D 50 -30.24 -18.80 -8.62
CA GLY D 50 -31.11 -19.95 -8.46
C GLY D 50 -31.95 -19.90 -7.18
N GLN D 51 -32.02 -20.98 -6.41
CA GLN D 51 -32.82 -21.02 -5.19
C GLN D 51 -32.38 -19.99 -4.16
N LEU D 52 -31.15 -19.49 -4.28
CA LEU D 52 -30.73 -18.43 -3.33
C LEU D 52 -31.60 -17.19 -3.41
N THR D 53 -32.32 -16.98 -4.51
CA THR D 53 -33.18 -15.80 -4.60
C THR D 53 -34.33 -15.91 -3.62
N GLU D 54 -34.57 -17.10 -3.07
CA GLU D 54 -35.66 -17.31 -2.11
C GLU D 54 -35.18 -17.54 -0.69
N ALA D 55 -33.87 -17.62 -0.53
CA ALA D 55 -33.24 -17.86 0.78
C ALA D 55 -33.10 -16.58 1.60
N GLY D 56 -32.87 -16.74 2.88
CA GLY D 56 -32.74 -15.59 3.76
C GLY D 56 -31.30 -15.32 4.10
N ILE D 57 -30.88 -15.77 5.27
CA ILE D 57 -29.49 -15.59 5.65
C ILE D 57 -28.87 -16.99 5.53
N VAL D 58 -27.66 -17.01 4.98
CA VAL D 58 -26.97 -18.30 4.84
C VAL D 58 -25.81 -18.29 5.83
N ASP D 59 -25.81 -19.26 6.75
CA ASP D 59 -24.78 -19.35 7.74
C ASP D 59 -24.12 -20.73 7.76
N ASP D 60 -24.30 -21.51 6.69
CA ASP D 60 -23.69 -22.81 6.60
C ASP D 60 -22.77 -23.03 5.42
N TYR D 61 -22.33 -21.95 4.80
CA TYR D 61 -21.33 -21.99 3.74
C TYR D 61 -20.06 -21.45 4.44
N LEU D 62 -19.17 -22.37 4.75
CA LEU D 62 -18.02 -22.06 5.55
C LEU D 62 -17.23 -20.87 5.07
N GLY D 63 -17.02 -19.90 5.98
CA GLY D 63 -16.24 -18.74 5.64
C GLY D 63 -17.03 -17.51 5.22
N LEU D 64 -18.29 -17.66 4.86
CA LEU D 64 -19.14 -16.50 4.54
C LEU D 64 -20.14 -16.49 5.70
N ILE D 65 -19.80 -15.76 6.76
CA ILE D 65 -20.60 -15.79 7.97
C ILE D 65 -21.84 -14.94 7.90
N GLU D 66 -22.98 -15.54 8.24
CA GLU D 66 -24.25 -14.84 8.22
C GLU D 66 -24.43 -13.94 7.03
N ILE D 67 -24.26 -14.49 5.85
CA ILE D 67 -24.37 -13.69 4.64
C ILE D 67 -25.78 -13.71 4.08
N GLN D 68 -26.36 -12.55 3.82
CA GLN D 68 -27.67 -12.53 3.19
C GLN D 68 -27.55 -13.25 1.83
N ALA D 69 -28.55 -14.09 1.52
CA ALA D 69 -28.49 -14.82 0.27
C ALA D 69 -28.31 -13.88 -0.93
N SER D 70 -28.91 -12.69 -0.90
CA SER D 70 -28.73 -11.79 -2.03
C SER D 70 -27.29 -11.32 -2.16
N ASP D 71 -26.60 -11.18 -1.03
CA ASP D 71 -25.19 -10.80 -1.05
C ASP D 71 -24.30 -11.97 -1.48
N MET D 72 -24.75 -13.20 -1.18
CA MET D 72 -24.01 -14.39 -1.61
C MET D 72 -24.08 -14.43 -3.17
N ILE D 73 -25.27 -14.15 -3.72
CA ILE D 73 -25.39 -14.14 -5.18
C ILE D 73 -24.47 -13.09 -5.76
N LYS D 74 -24.44 -11.92 -5.12
CA LYS D 74 -23.59 -10.83 -5.61
C LYS D 74 -22.13 -11.23 -5.62
N VAL D 75 -21.63 -11.83 -4.52
CA VAL D 75 -20.21 -12.16 -4.50
C VAL D 75 -19.86 -13.36 -5.41
N PHE D 76 -20.77 -14.32 -5.54
CA PHE D 76 -20.54 -15.44 -6.46
C PHE D 76 -20.43 -14.86 -7.89
N ASN D 77 -21.31 -13.93 -8.22
CA ASN D 77 -21.22 -13.32 -9.52
C ASN D 77 -19.94 -12.51 -9.70
N LYS D 78 -19.55 -11.78 -8.66
CA LYS D 78 -18.34 -11.01 -8.73
C LYS D 78 -17.15 -11.93 -8.97
N HIS D 79 -17.18 -13.11 -8.36
CA HIS D 79 -16.06 -14.01 -8.48
C HIS D 79 -15.90 -14.56 -9.92
N ILE D 80 -17.00 -14.92 -10.58
CA ILE D 80 -16.80 -15.43 -11.93
C ILE D 80 -16.58 -14.25 -12.89
N GLU D 81 -17.06 -13.05 -12.55
CA GLU D 81 -16.81 -11.93 -13.44
C GLU D 81 -15.34 -11.53 -13.43
N LYS D 82 -14.65 -11.78 -12.32
CA LYS D 82 -13.22 -11.49 -12.25
C LYS D 82 -12.50 -12.36 -13.29
N TYR D 83 -13.10 -13.50 -13.62
CA TYR D 83 -12.52 -14.40 -14.60
C TYR D 83 -13.11 -14.18 -15.99
N GLU D 84 -13.89 -13.10 -16.11
CA GLU D 84 -14.46 -12.68 -17.39
C GLU D 84 -15.31 -13.73 -18.06
N VAL D 85 -16.03 -14.49 -17.26
CA VAL D 85 -16.88 -15.53 -17.83
C VAL D 85 -18.13 -14.90 -18.44
N PRO D 86 -18.36 -15.10 -19.75
CA PRO D 86 -19.56 -14.52 -20.32
C PRO D 86 -20.77 -15.26 -19.81
N VAL D 87 -21.79 -14.48 -19.50
CA VAL D 87 -23.03 -15.00 -18.96
C VAL D 87 -24.19 -14.45 -19.75
N LEU D 88 -25.08 -15.32 -20.18
CA LEU D 88 -26.30 -14.88 -20.86
C LEU D 88 -27.46 -15.33 -20.03
N LEU D 89 -28.40 -14.45 -19.74
CA LEU D 89 -29.58 -14.83 -19.00
C LEU D 89 -30.69 -15.26 -19.94
N ASP D 90 -30.93 -16.56 -20.00
CA ASP D 90 -31.96 -17.13 -20.85
C ASP D 90 -32.19 -18.58 -20.45
N ILE D 91 -33.19 -19.19 -21.07
CA ILE D 91 -33.54 -20.58 -20.86
C ILE D 91 -33.01 -21.43 -21.97
N VAL D 92 -32.34 -22.51 -21.59
CA VAL D 92 -31.87 -23.45 -22.56
C VAL D 92 -33.02 -24.42 -22.81
N GLU D 93 -33.41 -24.53 -24.08
CA GLU D 93 -34.52 -25.40 -24.47
C GLU D 93 -34.16 -26.78 -24.97
N LYS D 94 -32.93 -26.95 -25.45
CA LYS D 94 -32.51 -28.22 -26.02
C LYS D 94 -31.00 -28.29 -26.13
N ILE D 95 -30.49 -29.51 -25.96
CA ILE D 95 -29.07 -29.81 -26.10
C ILE D 95 -29.07 -30.90 -27.13
N GLU D 96 -28.71 -30.52 -28.36
CA GLU D 96 -28.65 -31.49 -29.46
C GLU D 96 -27.24 -31.99 -29.59
N ASN D 97 -27.15 -33.30 -29.75
CA ASN D 97 -25.89 -33.97 -29.89
C ASN D 97 -25.72 -34.18 -31.40
N ARG D 98 -24.81 -33.43 -32.01
CA ARG D 98 -24.57 -33.56 -33.44
C ARG D 98 -23.43 -34.55 -33.67
N GLY D 99 -23.05 -35.27 -32.61
CA GLY D 99 -22.00 -36.26 -32.71
C GLY D 99 -20.59 -35.68 -32.59
N ASP D 100 -20.34 -34.63 -33.35
CA ASP D 100 -19.06 -33.94 -33.37
C ASP D 100 -19.03 -32.90 -32.28
N GLU D 101 -20.21 -32.45 -31.88
CA GLU D 101 -20.30 -31.38 -30.90
C GLU D 101 -21.74 -31.25 -30.48
N PHE D 102 -21.97 -30.41 -29.47
CA PHE D 102 -23.31 -30.16 -29.00
C PHE D 102 -23.78 -28.81 -29.52
N VAL D 103 -25.06 -28.71 -29.81
CA VAL D 103 -25.64 -27.44 -30.16
C VAL D 103 -26.62 -27.16 -29.03
N VAL D 104 -26.39 -26.05 -28.34
CA VAL D 104 -27.25 -25.66 -27.24
C VAL D 104 -28.17 -24.58 -27.74
N LYS D 105 -29.46 -24.90 -27.72
CA LYS D 105 -30.47 -23.99 -28.23
C LYS D 105 -31.17 -23.25 -27.10
N THR D 106 -31.17 -21.92 -27.19
CA THR D 106 -31.82 -21.11 -26.19
C THR D 106 -33.16 -20.58 -26.65
N LYS D 107 -33.97 -20.15 -25.71
CA LYS D 107 -35.30 -19.64 -25.97
C LYS D 107 -35.29 -18.32 -26.72
N ARG D 108 -34.39 -17.41 -26.37
CA ARG D 108 -34.34 -16.09 -26.99
C ARG D 108 -33.03 -15.61 -27.58
N LYS D 109 -31.92 -16.29 -27.28
CA LYS D 109 -30.62 -15.80 -27.71
C LYS D 109 -29.89 -16.57 -28.80
N GLY D 110 -30.60 -17.46 -29.48
CA GLY D 110 -29.97 -18.22 -30.56
C GLY D 110 -29.38 -19.52 -30.06
N GLU D 111 -28.50 -20.11 -30.86
CA GLU D 111 -27.87 -21.37 -30.49
C GLU D 111 -26.38 -21.19 -30.46
N PHE D 112 -25.72 -22.02 -29.65
CA PHE D 112 -24.28 -21.98 -29.50
C PHE D 112 -23.75 -23.40 -29.57
N LYS D 113 -22.48 -23.54 -29.92
CA LYS D 113 -21.89 -24.86 -30.05
C LYS D 113 -20.95 -25.13 -28.87
N ALA D 114 -20.77 -26.41 -28.54
CA ALA D 114 -19.92 -26.72 -27.40
C ALA D 114 -19.35 -28.09 -27.52
N ASP D 115 -18.14 -28.25 -27.00
CA ASP D 115 -17.56 -29.56 -26.95
C ASP D 115 -18.08 -30.33 -25.76
N SER D 116 -18.52 -29.63 -24.72
CA SER D 116 -19.04 -30.28 -23.52
C SER D 116 -20.08 -29.37 -22.88
N VAL D 117 -20.93 -29.94 -22.05
CA VAL D 117 -21.99 -29.21 -21.39
C VAL D 117 -22.05 -29.62 -19.92
N ILE D 118 -22.27 -28.64 -19.05
CA ILE D 118 -22.45 -28.93 -17.63
C ILE D 118 -23.83 -28.44 -17.26
N LEU D 119 -24.67 -29.34 -16.77
CA LEU D 119 -26.01 -28.99 -16.33
C LEU D 119 -26.09 -28.70 -14.84
N GLY D 120 -26.39 -27.44 -14.51
CA GLY D 120 -26.59 -27.04 -13.12
C GLY D 120 -27.98 -26.48 -13.01
N ILE D 121 -28.97 -27.26 -13.43
CA ILE D 121 -30.32 -26.78 -13.53
C ILE D 121 -31.23 -26.84 -12.32
N GLY D 122 -30.71 -27.41 -11.24
CA GLY D 122 -31.45 -27.42 -10.00
C GLY D 122 -32.76 -28.13 -9.99
N VAL D 123 -33.58 -27.78 -9.01
CA VAL D 123 -34.88 -28.39 -8.84
C VAL D 123 -35.82 -27.25 -8.52
N LYS D 124 -37.10 -27.47 -8.73
CA LYS D 124 -38.08 -26.46 -8.42
C LYS D 124 -38.79 -26.87 -7.14
N ARG D 125 -38.90 -25.93 -6.24
CA ARG D 125 -39.56 -26.14 -4.97
C ARG D 125 -41.06 -26.41 -5.21
N ARG D 126 -41.61 -27.42 -4.56
CA ARG D 126 -43.05 -27.68 -4.73
C ARG D 126 -43.75 -26.57 -3.97
N LYS D 127 -44.86 -26.06 -4.48
CA LYS D 127 -45.51 -24.96 -3.81
C LYS D 127 -46.78 -25.35 -3.05
N LEU D 128 -46.86 -24.93 -1.80
CA LEU D 128 -48.04 -25.26 -1.00
C LEU D 128 -49.14 -24.23 -1.29
N GLY D 129 -48.74 -23.02 -1.61
CA GLY D 129 -49.69 -21.97 -1.94
C GLY D 129 -50.66 -21.58 -0.84
N VAL D 130 -50.20 -21.56 0.41
CA VAL D 130 -51.08 -21.17 1.49
C VAL D 130 -51.07 -19.66 1.66
N PRO D 131 -52.22 -19.10 1.98
CA PRO D 131 -52.35 -17.67 2.18
C PRO D 131 -51.35 -17.18 3.23
N GLY D 132 -50.60 -16.14 2.92
CA GLY D 132 -49.63 -15.58 3.85
C GLY D 132 -48.21 -16.07 3.63
N GLU D 133 -48.08 -17.14 2.88
CA GLU D 133 -46.77 -17.73 2.60
C GLU D 133 -45.78 -16.73 2.03
N GLN D 134 -46.14 -16.07 0.93
CA GLN D 134 -45.22 -15.12 0.32
C GLN D 134 -44.93 -13.92 1.19
N GLU D 135 -45.98 -13.45 1.85
CA GLU D 135 -45.92 -12.31 2.74
C GLU D 135 -44.89 -12.48 3.85
N PHE D 136 -44.88 -13.68 4.43
CA PHE D 136 -43.99 -13.93 5.56
C PHE D 136 -42.69 -14.64 5.29
N ALA D 137 -42.35 -14.84 4.03
CA ALA D 137 -41.09 -15.48 3.69
C ALA D 137 -39.98 -14.57 4.22
N GLY D 138 -39.07 -15.13 5.01
CA GLY D 138 -38.00 -14.33 5.58
C GLY D 138 -38.44 -13.57 6.83
N ARG D 139 -39.73 -13.67 7.14
CA ARG D 139 -40.31 -13.01 8.29
C ARG D 139 -40.94 -14.07 9.17
N GLY D 140 -40.38 -15.27 9.17
CA GLY D 140 -40.95 -16.33 9.98
C GLY D 140 -41.15 -17.61 9.21
N ILE D 141 -41.24 -17.53 7.87
CA ILE D 141 -41.42 -18.72 7.07
C ILE D 141 -40.08 -19.12 6.50
N SER D 142 -39.77 -20.41 6.57
CA SER D 142 -38.54 -20.93 6.02
C SER D 142 -38.86 -22.15 5.21
N TYR D 143 -38.05 -22.41 4.20
CA TYR D 143 -38.18 -23.58 3.38
C TYR D 143 -36.98 -24.49 3.60
N CYS D 144 -36.21 -24.24 4.64
CA CYS D 144 -35.02 -25.03 4.87
C CYS D 144 -34.71 -25.14 6.35
N SER D 145 -35.14 -26.23 6.95
CA SER D 145 -34.93 -26.45 8.38
C SER D 145 -33.45 -26.53 8.77
N VAL D 146 -32.65 -27.20 7.96
CA VAL D 146 -31.25 -27.32 8.29
C VAL D 146 -30.61 -25.95 8.35
N ALA D 147 -31.00 -25.06 7.43
CA ALA D 147 -30.46 -23.74 7.37
C ALA D 147 -30.92 -22.86 8.49
N ASP D 148 -32.22 -22.83 8.76
CA ASP D 148 -32.75 -21.90 9.72
C ASP D 148 -33.09 -22.32 11.13
N ALA D 149 -33.03 -23.62 11.39
CA ALA D 149 -33.37 -24.09 12.75
C ALA D 149 -32.64 -23.36 13.88
N PRO D 150 -31.32 -23.09 13.74
CA PRO D 150 -30.66 -22.39 14.85
C PRO D 150 -31.19 -21.01 15.20
N LEU D 151 -32.00 -20.42 14.32
CA LEU D 151 -32.54 -19.10 14.57
C LEU D 151 -33.79 -19.19 15.40
N PHE D 152 -34.23 -20.40 15.72
CA PHE D 152 -35.45 -20.57 16.50
C PHE D 152 -35.26 -21.23 17.85
N LYS D 153 -34.10 -20.99 18.44
CA LYS D 153 -33.82 -21.54 19.76
C LYS D 153 -34.82 -20.95 20.75
N ASN D 154 -35.41 -21.82 21.56
CA ASN D 154 -36.39 -21.39 22.56
C ASN D 154 -37.61 -20.66 22.00
N ARG D 155 -37.99 -21.03 20.78
CA ARG D 155 -39.16 -20.45 20.13
C ARG D 155 -40.10 -21.60 19.77
N VAL D 156 -41.31 -21.29 19.33
CA VAL D 156 -42.27 -22.32 18.95
C VAL D 156 -42.35 -22.34 17.42
N VAL D 157 -42.32 -23.53 16.84
CA VAL D 157 -42.38 -23.64 15.39
C VAL D 157 -43.28 -24.75 14.89
N ALA D 158 -43.67 -24.66 13.63
CA ALA D 158 -44.45 -25.72 13.01
C ALA D 158 -43.68 -26.11 11.76
N VAL D 159 -43.72 -27.40 11.44
CA VAL D 159 -43.09 -27.94 10.24
C VAL D 159 -44.25 -28.54 9.45
N ILE D 160 -44.36 -28.19 8.17
CA ILE D 160 -45.40 -28.72 7.32
C ILE D 160 -44.81 -29.68 6.31
N GLY D 161 -45.33 -30.91 6.30
CA GLY D 161 -44.80 -31.90 5.37
C GLY D 161 -44.82 -33.27 5.99
N GLY D 162 -44.58 -34.29 5.16
CA GLY D 162 -44.59 -35.65 5.66
C GLY D 162 -43.47 -36.54 5.16
N GLY D 163 -42.53 -35.95 4.41
CA GLY D 163 -41.42 -36.72 3.88
C GLY D 163 -40.17 -36.69 4.76
N ASP D 164 -39.06 -37.16 4.20
CA ASP D 164 -37.80 -37.22 4.91
C ASP D 164 -37.34 -35.83 5.35
N SER D 165 -37.54 -34.86 4.48
CA SER D 165 -37.14 -33.48 4.75
C SER D 165 -37.92 -32.90 5.93
N ALA D 166 -39.22 -33.19 5.98
CA ALA D 166 -40.02 -32.65 7.06
C ALA D 166 -39.71 -33.31 8.41
N LEU D 167 -39.53 -34.64 8.38
CA LEU D 167 -39.23 -35.39 9.61
C LEU D 167 -37.85 -35.02 10.15
N GLU D 168 -36.86 -34.93 9.27
CA GLU D 168 -35.52 -34.57 9.73
C GLU D 168 -35.55 -33.11 10.20
N GLY D 169 -36.38 -32.29 9.53
CA GLY D 169 -36.53 -30.88 9.90
C GLY D 169 -37.05 -30.78 11.32
N ALA D 170 -38.09 -31.56 11.62
CA ALA D 170 -38.66 -31.56 12.97
C ALA D 170 -37.66 -32.07 13.98
N GLU D 171 -36.87 -33.06 13.55
CA GLU D 171 -35.87 -33.64 14.42
C GLU D 171 -34.87 -32.55 14.82
N ILE D 172 -34.38 -31.79 13.84
CA ILE D 172 -33.41 -30.76 14.18
C ILE D 172 -34.04 -29.63 14.99
N LEU D 173 -35.21 -29.17 14.58
CA LEU D 173 -35.86 -28.11 15.32
C LEU D 173 -36.15 -28.50 16.77
N SER D 174 -36.43 -29.78 17.04
CA SER D 174 -36.72 -30.20 18.42
C SER D 174 -35.53 -29.96 19.34
N SER D 175 -34.32 -29.87 18.78
CA SER D 175 -33.13 -29.62 19.60
C SER D 175 -32.93 -28.15 19.93
N TYR D 176 -33.67 -27.29 19.23
CA TYR D 176 -33.59 -25.86 19.41
C TYR D 176 -34.84 -25.24 20.02
N SER D 177 -35.96 -25.58 19.41
CA SER D 177 -37.24 -25.00 19.78
C SER D 177 -37.90 -25.55 21.04
N THR D 178 -38.71 -24.69 21.64
CA THR D 178 -39.48 -25.04 22.84
C THR D 178 -40.50 -26.09 22.49
N LYS D 179 -41.15 -25.91 21.34
CA LYS D 179 -42.17 -26.83 20.88
C LYS D 179 -42.19 -26.82 19.36
N VAL D 180 -42.40 -28.00 18.79
CA VAL D 180 -42.47 -28.24 17.36
C VAL D 180 -43.75 -28.97 16.99
N TYR D 181 -44.56 -28.35 16.15
CA TYR D 181 -45.78 -29.00 15.66
C TYR D 181 -45.45 -29.59 14.30
N LEU D 182 -45.67 -30.88 14.09
CA LEU D 182 -45.38 -31.48 12.79
C LEU D 182 -46.73 -31.69 12.13
N ILE D 183 -47.02 -30.90 11.10
CA ILE D 183 -48.31 -30.94 10.41
C ILE D 183 -48.26 -31.63 9.05
N HIS D 184 -49.16 -32.60 8.83
CA HIS D 184 -49.21 -33.33 7.56
C HIS D 184 -50.66 -33.76 7.27
N ARG D 185 -51.12 -33.49 6.04
CA ARG D 185 -52.48 -33.78 5.60
C ARG D 185 -52.89 -35.25 5.52
N ARG D 186 -51.92 -36.15 5.56
CA ARG D 186 -52.20 -37.57 5.46
C ARG D 186 -52.38 -38.18 6.84
N ASP D 187 -52.82 -39.43 6.87
CA ASP D 187 -53.05 -40.11 8.13
C ASP D 187 -51.72 -40.58 8.73
N THR D 188 -50.74 -40.81 7.86
CA THR D 188 -49.41 -41.25 8.25
C THR D 188 -48.38 -40.44 7.46
N PHE D 189 -47.10 -40.70 7.72
CA PHE D 189 -46.03 -40.00 7.03
C PHE D 189 -45.46 -40.91 5.96
N LYS D 190 -44.87 -40.34 4.92
CA LYS D 190 -44.29 -41.12 3.83
C LYS D 190 -42.79 -41.23 3.98
N ALA D 191 -42.27 -40.64 5.05
CA ALA D 191 -40.84 -40.67 5.33
C ALA D 191 -40.36 -42.04 5.81
N GLN D 192 -39.07 -42.31 5.55
CA GLN D 192 -38.46 -43.56 5.97
C GLN D 192 -38.93 -43.87 7.38
N PRO D 193 -39.09 -45.16 7.70
CA PRO D 193 -39.56 -45.62 9.03
C PRO D 193 -38.75 -45.09 10.21
N ILE D 194 -37.43 -45.11 10.08
CA ILE D 194 -36.54 -44.67 11.16
C ILE D 194 -36.74 -43.20 11.51
N TYR D 195 -36.98 -42.38 10.49
CA TYR D 195 -37.20 -40.96 10.69
C TYR D 195 -38.44 -40.73 11.54
N VAL D 196 -39.51 -41.46 11.24
CA VAL D 196 -40.75 -41.30 11.98
C VAL D 196 -40.62 -41.75 13.44
N GLU D 197 -40.02 -42.91 13.66
CA GLU D 197 -39.85 -43.42 15.01
C GLU D 197 -38.97 -42.54 15.89
N THR D 198 -37.89 -42.04 15.34
CA THR D 198 -37.00 -41.17 16.10
C THR D 198 -37.70 -39.89 16.56
N VAL D 199 -38.40 -39.23 15.65
CA VAL D 199 -39.10 -37.99 15.98
C VAL D 199 -40.24 -38.25 16.96
N LYS D 200 -40.90 -39.39 16.78
CA LYS D 200 -42.02 -39.79 17.63
C LYS D 200 -41.64 -39.71 19.11
N LYS D 201 -40.41 -40.12 19.42
CA LYS D 201 -39.91 -40.14 20.80
C LYS D 201 -39.53 -38.80 21.41
N LYS D 202 -39.51 -37.73 20.62
CA LYS D 202 -39.18 -36.40 21.13
C LYS D 202 -40.39 -35.87 21.88
N PRO D 203 -40.21 -35.50 23.15
CA PRO D 203 -41.35 -34.99 23.92
C PRO D 203 -41.85 -33.62 23.49
N ASN D 204 -41.00 -32.83 22.85
CA ASN D 204 -41.44 -31.49 22.45
C ASN D 204 -41.93 -31.40 21.02
N VAL D 205 -42.19 -32.55 20.40
CA VAL D 205 -42.73 -32.59 19.04
C VAL D 205 -44.13 -33.16 19.10
N GLU D 206 -45.08 -32.40 18.60
CA GLU D 206 -46.47 -32.82 18.57
C GLU D 206 -46.90 -33.08 17.13
N PHE D 207 -47.39 -34.29 16.86
CA PHE D 207 -47.86 -34.65 15.54
C PHE D 207 -49.26 -34.07 15.30
N VAL D 208 -49.45 -33.42 14.16
CA VAL D 208 -50.75 -32.87 13.80
C VAL D 208 -51.05 -33.48 12.42
N LEU D 209 -51.48 -34.74 12.43
CA LEU D 209 -51.78 -35.47 11.20
C LEU D 209 -53.18 -35.20 10.71
N ASN D 210 -53.46 -35.68 9.49
CA ASN D 210 -54.76 -35.51 8.86
C ASN D 210 -55.16 -34.03 8.95
N SER D 211 -54.15 -33.16 8.83
CA SER D 211 -54.37 -31.73 8.92
C SER D 211 -53.77 -30.93 7.78
N VAL D 212 -54.33 -29.75 7.56
CA VAL D 212 -53.88 -28.85 6.52
C VAL D 212 -53.82 -27.45 7.11
N VAL D 213 -52.90 -26.63 6.59
CA VAL D 213 -52.77 -25.26 7.07
C VAL D 213 -53.61 -24.37 6.16
N LYS D 214 -54.59 -23.70 6.75
CA LYS D 214 -55.47 -22.83 5.99
C LYS D 214 -54.81 -21.48 5.77
N GLU D 215 -53.96 -21.07 6.70
CA GLU D 215 -53.37 -19.76 6.59
C GLU D 215 -52.18 -19.60 7.50
N ILE D 216 -51.28 -18.70 7.14
CA ILE D 216 -50.12 -18.38 7.97
C ILE D 216 -50.36 -16.92 8.26
N LYS D 217 -50.53 -16.61 9.54
CA LYS D 217 -50.82 -15.24 9.95
C LYS D 217 -49.82 -14.59 10.88
N GLY D 218 -49.86 -13.27 10.93
CA GLY D 218 -48.97 -12.52 11.81
C GLY D 218 -49.06 -11.02 11.59
N ASP D 219 -48.22 -10.26 12.28
CA ASP D 219 -48.20 -8.82 12.08
C ASP D 219 -47.04 -8.60 11.10
N LYS D 220 -45.89 -8.16 11.60
CA LYS D 220 -44.73 -7.99 10.72
C LYS D 220 -44.05 -9.35 10.57
N VAL D 221 -44.12 -10.16 11.63
CA VAL D 221 -43.56 -11.50 11.55
C VAL D 221 -44.64 -12.53 11.83
N VAL D 222 -44.36 -13.79 11.54
CA VAL D 222 -45.32 -14.86 11.77
C VAL D 222 -45.73 -14.97 13.24
N LYS D 223 -47.03 -15.16 13.49
CA LYS D 223 -47.54 -15.33 14.84
C LYS D 223 -48.40 -16.56 14.99
N GLN D 224 -49.13 -16.96 13.94
CA GLN D 224 -49.96 -18.16 14.00
C GLN D 224 -50.07 -18.94 12.70
N VAL D 225 -50.48 -20.19 12.83
CA VAL D 225 -50.78 -21.02 11.68
C VAL D 225 -52.17 -21.55 11.98
N VAL D 226 -53.02 -21.48 10.96
CA VAL D 226 -54.40 -21.96 11.09
C VAL D 226 -54.42 -23.34 10.48
N VAL D 227 -54.83 -24.32 11.29
CA VAL D 227 -54.87 -25.68 10.82
C VAL D 227 -56.30 -26.19 10.90
N GLU D 228 -56.62 -27.10 9.98
CA GLU D 228 -57.93 -27.70 9.93
C GLU D 228 -57.74 -29.21 9.91
N ASN D 229 -58.44 -29.89 10.82
CA ASN D 229 -58.40 -31.35 10.85
C ASN D 229 -59.37 -31.78 9.75
N LEU D 230 -58.85 -32.40 8.70
CA LEU D 230 -59.67 -32.84 7.56
C LEU D 230 -60.73 -33.88 7.92
N LYS D 231 -60.64 -34.43 9.11
CA LYS D 231 -61.60 -35.42 9.58
C LYS D 231 -62.40 -34.82 10.73
N VAL D 240 -47.22 -19.64 16.86
CA VAL D 240 -45.89 -20.08 16.42
C VAL D 240 -45.03 -18.90 15.99
N ASN D 241 -43.71 -19.04 16.16
CA ASN D 241 -42.78 -18.00 15.76
C ASN D 241 -42.21 -18.27 14.39
N GLY D 242 -42.25 -19.52 13.97
CA GLY D 242 -41.74 -19.87 12.65
C GLY D 242 -42.50 -21.02 12.04
N VAL D 243 -42.55 -21.05 10.70
CA VAL D 243 -43.22 -22.11 9.97
C VAL D 243 -42.24 -22.62 8.92
N PHE D 244 -41.90 -23.90 8.98
CA PHE D 244 -40.98 -24.52 8.05
C PHE D 244 -41.74 -25.38 7.07
N ILE D 245 -41.77 -24.96 5.80
CA ILE D 245 -42.49 -25.71 4.78
C ILE D 245 -41.51 -26.66 4.08
N GLU D 246 -41.70 -27.93 4.35
CA GLU D 246 -40.85 -29.00 3.84
C GLU D 246 -41.68 -30.01 3.07
N ILE D 247 -42.08 -29.65 1.86
CA ILE D 247 -42.92 -30.55 1.08
C ILE D 247 -42.28 -31.07 -0.18
N GLY D 248 -40.97 -30.93 -0.26
CA GLY D 248 -40.28 -31.48 -1.42
C GLY D 248 -40.04 -30.55 -2.58
N PHE D 249 -39.38 -31.15 -3.56
CA PHE D 249 -38.97 -30.47 -4.77
C PHE D 249 -39.26 -31.35 -5.97
N ASP D 250 -39.31 -30.74 -7.13
CA ASP D 250 -39.49 -31.50 -8.35
C ASP D 250 -38.20 -31.45 -9.19
N PRO D 251 -37.65 -32.63 -9.50
CA PRO D 251 -36.42 -32.73 -10.29
C PRO D 251 -36.76 -32.47 -11.75
N PRO D 252 -35.74 -32.12 -12.56
CA PRO D 252 -35.93 -31.82 -13.98
C PRO D 252 -35.98 -33.08 -14.83
N THR D 253 -36.90 -33.99 -14.51
CA THR D 253 -37.04 -35.22 -15.27
C THR D 253 -37.44 -34.91 -16.70
N ASP D 254 -38.36 -33.98 -16.90
CA ASP D 254 -38.74 -33.69 -18.28
C ASP D 254 -37.58 -33.16 -19.11
N PHE D 255 -36.76 -32.28 -18.55
CA PHE D 255 -35.63 -31.76 -19.31
C PHE D 255 -34.66 -32.92 -19.63
N ALA D 256 -34.43 -33.79 -18.65
CA ALA D 256 -33.50 -34.89 -18.86
C ALA D 256 -34.03 -35.82 -19.97
N LYS D 257 -35.30 -36.19 -19.87
CA LYS D 257 -35.89 -37.05 -20.88
C LYS D 257 -35.87 -36.40 -22.25
N SER D 258 -36.20 -35.12 -22.31
CA SER D 258 -36.22 -34.36 -23.55
C SER D 258 -34.87 -34.37 -24.26
N ASN D 259 -33.81 -34.41 -23.46
CA ASN D 259 -32.46 -34.36 -23.97
C ASN D 259 -31.70 -35.67 -23.92
N GLY D 260 -32.45 -36.76 -23.74
CA GLY D 260 -31.83 -38.07 -23.79
C GLY D 260 -30.84 -38.37 -22.69
N ILE D 261 -31.05 -37.78 -21.53
CA ILE D 261 -30.20 -38.01 -20.36
C ILE D 261 -30.94 -38.90 -19.35
N GLU D 262 -30.28 -39.96 -18.91
CA GLU D 262 -30.88 -40.90 -17.97
C GLU D 262 -31.12 -40.31 -16.59
N THR D 263 -32.21 -40.74 -15.97
CA THR D 263 -32.54 -40.28 -14.63
C THR D 263 -32.51 -41.47 -13.66
N ASP D 264 -32.44 -41.19 -12.36
CA ASP D 264 -32.41 -42.24 -11.32
C ASP D 264 -33.84 -42.61 -10.93
N THR D 265 -33.98 -43.44 -9.88
CA THR D 265 -35.33 -43.87 -9.47
C THR D 265 -36.22 -42.79 -8.92
N ASN D 266 -35.62 -41.64 -8.64
CA ASN D 266 -36.33 -40.52 -8.10
C ASN D 266 -36.55 -39.42 -9.15
N GLY D 267 -36.10 -39.65 -10.39
CA GLY D 267 -36.29 -38.65 -11.44
C GLY D 267 -35.20 -37.60 -11.61
N TYR D 268 -34.12 -37.75 -10.84
CA TYR D 268 -33.00 -36.83 -10.90
C TYR D 268 -32.01 -37.26 -11.96
N ILE D 269 -31.20 -36.34 -12.45
CA ILE D 269 -30.20 -36.69 -13.46
C ILE D 269 -29.16 -37.61 -12.82
N LYS D 270 -29.02 -38.80 -13.39
CA LYS D 270 -28.12 -39.76 -12.84
C LYS D 270 -26.68 -39.39 -13.17
N VAL D 271 -25.85 -39.32 -12.14
CA VAL D 271 -24.45 -39.03 -12.33
C VAL D 271 -23.64 -40.04 -11.58
N ASP D 272 -22.42 -40.19 -12.05
CA ASP D 272 -21.48 -41.03 -11.33
C ASP D 272 -20.72 -40.09 -10.40
N GLU D 273 -19.74 -40.64 -9.68
CA GLU D 273 -18.95 -39.90 -8.75
C GLU D 273 -18.34 -38.59 -9.33
N TRP D 274 -17.97 -38.67 -10.59
CA TRP D 274 -17.32 -37.56 -11.27
C TRP D 274 -18.28 -36.67 -12.06
N MET D 275 -19.54 -36.77 -11.74
CA MET D 275 -20.57 -35.92 -12.31
C MET D 275 -20.87 -36.14 -13.78
N ARG D 276 -20.53 -37.32 -14.28
CA ARG D 276 -20.84 -37.68 -15.65
C ARG D 276 -22.26 -38.18 -15.75
N THR D 277 -22.96 -37.73 -16.76
CA THR D 277 -24.32 -38.25 -17.04
C THR D 277 -24.16 -39.44 -18.01
N SER D 278 -25.30 -39.97 -18.42
CA SER D 278 -25.29 -41.07 -19.37
C SER D 278 -24.83 -40.65 -20.78
N VAL D 279 -24.75 -39.36 -21.06
CA VAL D 279 -24.33 -38.86 -22.37
C VAL D 279 -22.89 -38.39 -22.33
N PRO D 280 -21.98 -38.98 -23.12
CA PRO D 280 -20.60 -38.54 -23.08
C PRO D 280 -20.51 -37.05 -23.36
N GLY D 281 -19.71 -36.32 -22.57
CA GLY D 281 -19.55 -34.90 -22.81
C GLY D 281 -20.55 -34.04 -22.11
N VAL D 282 -21.55 -34.65 -21.45
CA VAL D 282 -22.54 -33.92 -20.66
C VAL D 282 -22.37 -34.33 -19.19
N PHE D 283 -22.15 -33.31 -18.38
CA PHE D 283 -21.94 -33.47 -16.94
C PHE D 283 -23.02 -32.76 -16.21
N ALA D 284 -23.18 -33.02 -14.92
CA ALA D 284 -24.22 -32.30 -14.18
C ALA D 284 -23.78 -32.10 -12.75
N ALA D 285 -24.28 -31.06 -12.10
CA ALA D 285 -23.89 -30.75 -10.74
C ALA D 285 -25.01 -30.10 -9.99
N GLY D 286 -25.00 -30.28 -8.67
CA GLY D 286 -25.99 -29.63 -7.82
C GLY D 286 -27.25 -30.43 -7.61
N ASP D 287 -28.28 -29.72 -7.17
CA ASP D 287 -29.56 -30.32 -6.80
C ASP D 287 -30.24 -31.11 -7.89
N CYS D 288 -29.92 -30.86 -9.14
CA CYS D 288 -30.57 -31.62 -10.21
C CYS D 288 -30.03 -33.04 -10.32
N THR D 289 -28.95 -33.36 -9.62
CA THR D 289 -28.33 -34.69 -9.77
C THR D 289 -28.71 -35.67 -8.69
N SER D 290 -28.39 -36.94 -8.99
CA SER D 290 -28.64 -38.04 -8.09
C SER D 290 -27.62 -38.14 -6.97
N ALA D 291 -26.57 -37.31 -7.00
CA ALA D 291 -25.52 -37.40 -5.96
C ALA D 291 -25.90 -36.70 -4.70
N TRP D 292 -25.73 -37.37 -3.57
CA TRP D 292 -26.15 -36.86 -2.25
C TRP D 292 -27.60 -36.44 -2.26
N LEU D 293 -28.39 -37.28 -2.90
CA LEU D 293 -29.79 -36.98 -3.01
C LEU D 293 -30.43 -36.75 -1.67
N GLY D 294 -31.17 -35.65 -1.61
CA GLY D 294 -31.85 -35.30 -0.39
C GLY D 294 -31.11 -34.24 0.41
N PHE D 295 -29.79 -34.17 0.24
CA PHE D 295 -28.95 -33.19 0.96
C PHE D 295 -28.78 -32.10 -0.08
N ARG D 296 -29.38 -30.97 0.19
CA ARG D 296 -29.37 -29.87 -0.78
C ARG D 296 -28.78 -28.69 -0.06
N GLN D 297 -27.52 -28.39 -0.36
CA GLN D 297 -26.84 -27.29 0.31
C GLN D 297 -25.99 -26.53 -0.67
N VAL D 298 -25.72 -25.26 -0.37
CA VAL D 298 -24.90 -24.46 -1.27
C VAL D 298 -23.50 -25.06 -1.36
N ILE D 299 -22.92 -25.45 -0.22
CA ILE D 299 -21.55 -25.94 -0.28
C ILE D 299 -21.42 -27.19 -1.15
N THR D 300 -22.39 -28.10 -1.06
CA THR D 300 -22.23 -29.29 -1.88
C THR D 300 -22.49 -29.01 -3.38
N ALA D 301 -23.39 -28.09 -3.70
CA ALA D 301 -23.59 -27.74 -5.10
C ALA D 301 -22.35 -27.08 -5.69
N VAL D 302 -21.74 -26.16 -4.95
CA VAL D 302 -20.54 -25.48 -5.45
C VAL D 302 -19.44 -26.51 -5.63
N ALA D 303 -19.32 -27.46 -4.68
CA ALA D 303 -18.29 -28.50 -4.82
C ALA D 303 -18.59 -29.41 -6.02
N GLN D 304 -19.83 -29.85 -6.20
CA GLN D 304 -20.13 -30.69 -7.35
C GLN D 304 -19.86 -29.90 -8.65
N GLY D 305 -20.06 -28.57 -8.63
CA GLY D 305 -19.73 -27.77 -9.81
C GLY D 305 -18.25 -27.84 -10.13
N ALA D 306 -17.39 -27.76 -9.13
CA ALA D 306 -15.97 -27.87 -9.35
C ALA D 306 -15.62 -29.22 -9.97
N VAL D 307 -16.23 -30.29 -9.44
CA VAL D 307 -15.96 -31.63 -9.94
C VAL D 307 -16.46 -31.77 -11.39
N ALA D 308 -17.66 -31.28 -11.69
CA ALA D 308 -18.15 -31.34 -13.06
C ALA D 308 -17.22 -30.58 -14.03
N ALA D 309 -16.73 -29.42 -13.62
CA ALA D 309 -15.83 -28.63 -14.46
C ALA D 309 -14.53 -29.41 -14.67
N THR D 310 -14.04 -30.09 -13.65
CA THR D 310 -12.84 -30.87 -13.79
C THR D 310 -13.07 -32.03 -14.78
N SER D 311 -14.23 -32.68 -14.70
CA SER D 311 -14.52 -33.75 -15.64
C SER D 311 -14.66 -33.16 -17.04
N ALA D 312 -15.29 -32.00 -17.18
CA ALA D 312 -15.40 -31.41 -18.52
C ALA D 312 -14.00 -31.03 -19.04
N TYR D 313 -13.15 -30.50 -18.18
CA TYR D 313 -11.79 -30.15 -18.58
C TYR D 313 -11.07 -31.40 -19.08
N ARG D 314 -11.16 -32.51 -18.36
CA ARG D 314 -10.47 -33.74 -18.80
C ARG D 314 -11.05 -34.24 -20.11
N TYR D 315 -12.35 -34.15 -20.26
CA TYR D 315 -13.02 -34.61 -21.47
C TYR D 315 -12.59 -33.78 -22.67
N VAL D 316 -12.61 -32.47 -22.55
CA VAL D 316 -12.24 -31.60 -23.66
C VAL D 316 -10.79 -31.72 -24.01
N THR D 317 -9.93 -31.76 -23.01
CA THR D 317 -8.50 -31.81 -23.29
C THR D 317 -8.13 -33.15 -23.93
N GLU D 318 -8.82 -34.22 -23.58
CA GLU D 318 -8.54 -35.50 -24.21
C GLU D 318 -9.15 -35.54 -25.62
#